data_1LU3
# 
_entry.id   1LU3 
# 
_audit_conform.dict_name       mmcif_pdbx.dic 
_audit_conform.dict_version    5.386 
_audit_conform.dict_location   http://mmcif.pdb.org/dictionaries/ascii/mmcif_pdbx.dic 
# 
loop_
_database_2.database_id 
_database_2.database_code 
_database_2.pdbx_database_accession 
_database_2.pdbx_DOI 
PDB   1LU3         pdb_00001lu3 10.2210/pdb1lu3/pdb 
RCSB  RCSB016269   ?            ?                   
WWPDB D_1000016269 ?            ?                   
# 
loop_
_pdbx_audit_revision_history.ordinal 
_pdbx_audit_revision_history.data_content_type 
_pdbx_audit_revision_history.major_revision 
_pdbx_audit_revision_history.minor_revision 
_pdbx_audit_revision_history.revision_date 
1 'Structure model' 1 0 2002-06-26 
2 'Structure model' 1 1 2008-04-28 
3 'Structure model' 1 2 2011-07-13 
4 'Structure model' 1 3 2018-07-18 
5 'Structure model' 1 4 2024-02-14 
# 
_pdbx_audit_revision_details.ordinal             1 
_pdbx_audit_revision_details.revision_ordinal    1 
_pdbx_audit_revision_details.data_content_type   'Structure model' 
_pdbx_audit_revision_details.provider            repository 
_pdbx_audit_revision_details.type                'Initial release' 
_pdbx_audit_revision_details.description         ? 
_pdbx_audit_revision_details.details             ? 
# 
loop_
_pdbx_audit_revision_group.ordinal 
_pdbx_audit_revision_group.revision_ordinal 
_pdbx_audit_revision_group.data_content_type 
_pdbx_audit_revision_group.group 
1 2 'Structure model' 'Version format compliance' 
2 3 'Structure model' 'Version format compliance' 
3 4 'Structure model' 'Data collection'           
4 5 'Structure model' 'Data collection'           
5 5 'Structure model' 'Database references'       
6 5 'Structure model' 'Derived calculations'      
7 5 'Structure model' 'Refinement description'    
# 
loop_
_pdbx_audit_revision_category.ordinal 
_pdbx_audit_revision_category.revision_ordinal 
_pdbx_audit_revision_category.data_content_type 
_pdbx_audit_revision_category.category 
1 4 'Structure model' em_image_scans                
2 4 'Structure model' em_software                   
3 5 'Structure model' chem_comp_atom                
4 5 'Structure model' chem_comp_bond                
5 5 'Structure model' database_2                    
6 5 'Structure model' em_3d_fitting_list            
7 5 'Structure model' pdbx_initial_refinement_model 
8 5 'Structure model' struct_conn                   
# 
loop_
_pdbx_audit_revision_item.ordinal 
_pdbx_audit_revision_item.revision_ordinal 
_pdbx_audit_revision_item.data_content_type 
_pdbx_audit_revision_item.item 
1 4 'Structure model' '_em_software.image_processing_id'                
2 5 'Structure model' '_database_2.pdbx_DOI'                            
3 5 'Structure model' '_database_2.pdbx_database_accession'             
4 5 'Structure model' '_em_3d_fitting_list.accession_code'              
5 5 'Structure model' '_em_3d_fitting_list.initial_refinement_model_id' 
6 5 'Structure model' '_em_3d_fitting_list.source_name'                 
7 5 'Structure model' '_em_3d_fitting_list.type'                        
8 5 'Structure model' '_struct_conn.pdbx_leaving_atom_flag'             
# 
_pdbx_database_status.status_code                     REL 
_pdbx_database_status.entry_id                        1LU3 
_pdbx_database_status.recvd_initial_deposition_date   2002-05-21 
_pdbx_database_status.deposit_site                    RCSB 
_pdbx_database_status.process_site                    RCSB 
_pdbx_database_status.SG_entry                        . 
_pdbx_database_status.status_code_sf                  ? 
_pdbx_database_status.status_code_mr                  ? 
_pdbx_database_status.pdb_format_compatible           Y 
_pdbx_database_status.status_code_cs                  ? 
_pdbx_database_status.methods_development_category    ? 
_pdbx_database_status.status_code_nmr_data            ? 
# 
loop_
_pdbx_database_related.db_name 
_pdbx_database_related.db_id 
_pdbx_database_related.details 
_pdbx_database_related.content_type 
PDB  1LS2     
;1ls2 is Fitting of EF-Tu and tRNA in the low resolution cryo-EM map of an EF-Tu ternary complex (GDP and Kirromycin) bound to E.coli 70S ribosome
;
unspecified            
PDB  1EFC     '1efc is Intact Elongation Factor from E.coli' unspecified            
PDB  1TTT     '1ttt is Phe-tRNA, Elongation Factor EF-Tu: GDPNP Ternary Complex' unspecified            
PDB  1EXM     
'1exm is Crystal Structure of Thermus Thermophilus Elongation Factor Tu(EF-Tu) in complex with the GTP Analog GPPNHP' unspecified 
EMDB EMD-1045 . 'associated EM volume' 
# 
loop_
_audit_author.name 
_audit_author.pdbx_ordinal 
'Valle, M.'       1 
'Sengupta, J.'    2 
'Swami, N.K.'     3 
'Grassucci, R.A.' 4 
'Burkhardt, N.'   5 
'Nierhaus, K.H.'  6 
'Agrawal, R.K.'   7 
'Frank, J.'       8 
# 
loop_
_citation.id 
_citation.title 
_citation.journal_abbrev 
_citation.journal_volume 
_citation.page_first 
_citation.page_last 
_citation.year 
_citation.journal_id_ASTM 
_citation.country 
_citation.journal_id_ISSN 
_citation.journal_id_CSD 
_citation.book_publisher 
_citation.pdbx_database_id_PubMed 
_citation.pdbx_database_id_DOI 
primary 'Cryo-EM reveals an active role for aminoacyl-tRNA in the accommodation process.'                         'EMBO J.'   21  
3557 3567 2002 EMJODG UK 0261-4189 0897 ? 12093756 10.1093/emboj/cdf326 
1       'Crystal structure of intact elongation factor EF-Tu from E.coli in GDP conformation at 2.05A resolution' J.Mol.Biol. 285 
1245 1256 1999 JMOBAK UK 0022-2836 0070 ? ?        ?                    
2       'Crystal structure of the ternary complex of the Phe-tRNAPhe, EF-Tu, and a GTP analog'                    Science     270 
1464 1472 1995 SCIEAS US 0036-8075 0038 ? ?        ?                    
3       'Visualization of elongation factor Tu on E.coli ribosome'                                                Nature      389 
403  406  1997 NATUAS UK 0028-0836 0006 ? ?        ?                    
4       'The crystal structure of elongation factor EF-Tu from Thermus aquaticus in the GTP conformation'         Structure   1   
35   50   1993 STRUE6 UK 0969-2126 2005 ? ?        ?                    
5       'Helix unwinding in the effector region of elongation factor EF-Tu-GDP'                                   Structure   4   
1141 1151 1996 STRUE6 UK 0969-2126 2005 ? ?        ?                    
# 
loop_
_citation_author.citation_id 
_citation_author.name 
_citation_author.ordinal 
_citation_author.identifier_ORCID 
primary 'Valle, M.'        1  ? 
primary 'Sengupta, J.'     2  ? 
primary 'Swami, N.K.'      3  ? 
primary 'Grassucci, R.A.'  4  ? 
primary 'Burkhardt, N.'    5  ? 
primary 'Nierhaus, K.H.'   6  ? 
primary 'Agrawal, R.K.'    7  ? 
primary 'Frank, J.'        8  ? 
1       'Song, H.'         9  ? 
1       'Parsons, M.R.'    10 ? 
1       'Rowsell, S.'      11 ? 
1       'Leonard, G.'      12 ? 
1       'Phillips, S.E.'   13 ? 
2       'Nissen, P.'       14 ? 
2       'Kjeldgaard, M.'   15 ? 
2       'Thirup, S.'       16 ? 
2       'Polekhina, G.'    17 ? 
2       'Reshetnikova, L.' 18 ? 
2       'Clark, B.F.C.'    19 ? 
2       'Nyborg, J.'       20 ? 
3       'Stark, H.'        21 ? 
3       'Rodnina, M.V.'    22 ? 
3       'Rinke-Appel, J.'  23 ? 
3       'Brimacombe, R.'   24 ? 
3       'Wintermeyer, W.'  25 ? 
3       'van Heel, M.'     26 ? 
4       'Kjeldgaard, M.'   27 ? 
4       'Nissen, P.'       28 ? 
4       'Thirup, S.'       29 ? 
4       'Nyborg, J.'       30 ? 
5       'Polekhina, G.'    31 ? 
5       'Thirup, S.'       32 ? 
5       'Kjeldgaard, M.'   33 ? 
5       'Nissen, P.'       34 ? 
5       'Lippmann, C.'     35 ? 
5       'Nyborg, J.'       36 ? 
# 
_entity.id                         1 
_entity.type                       polymer 
_entity.src_method                 nat 
_entity.pdbx_description           'PHENYLALANINE TRANSFER RNA' 
_entity.formula_weight             5466.326 
_entity.pdbx_number_of_molecules   1 
_entity.pdbx_ec                    ? 
_entity.pdbx_mutation              ? 
_entity.pdbx_fragment              'anticodon loop region' 
_entity.details                    ? 
# 
_entity_poly.entity_id                      1 
_entity_poly.type                           polyribonucleotide 
_entity_poly.nstd_linkage                   no 
_entity_poly.nstd_monomer                   yes 
_entity_poly.pdbx_seq_one_letter_code       'GCCAGACUGAAGA(PSU)CUG' 
_entity_poly.pdbx_seq_one_letter_code_can   GCCAGACUGAAGAUCUG 
_entity_poly.pdbx_strand_id                 A 
_entity_poly.pdbx_target_identifier         ? 
# 
loop_
_entity_poly_seq.entity_id 
_entity_poly_seq.num 
_entity_poly_seq.mon_id 
_entity_poly_seq.hetero 
1 1  G   n 
1 2  C   n 
1 3  C   n 
1 4  A   n 
1 5  G   n 
1 6  A   n 
1 7  C   n 
1 8  U   n 
1 9  G   n 
1 10 A   n 
1 11 A   n 
1 12 G   n 
1 13 A   n 
1 14 PSU n 
1 15 C   n 
1 16 U   n 
1 17 G   n 
# 
_entity_src_nat.entity_id                  1 
_entity_src_nat.pdbx_src_id                1 
_entity_src_nat.pdbx_alt_source_flag       sample 
_entity_src_nat.pdbx_beg_seq_num           ? 
_entity_src_nat.pdbx_end_seq_num           ? 
_entity_src_nat.common_name                
;baker's yeast
;
_entity_src_nat.pdbx_organism_scientific   'Saccharomyces cerevisiae' 
_entity_src_nat.pdbx_ncbi_taxonomy_id      4932 
_entity_src_nat.genus                      Saccharomyces 
_entity_src_nat.species                    ? 
_entity_src_nat.strain                     ? 
_entity_src_nat.tissue                     ? 
_entity_src_nat.tissue_fraction            ? 
_entity_src_nat.pdbx_secretion             ? 
_entity_src_nat.pdbx_fragment              ? 
_entity_src_nat.pdbx_variant               ? 
_entity_src_nat.pdbx_cell_line             ? 
_entity_src_nat.pdbx_atcc                  ? 
_entity_src_nat.pdbx_cellular_location     ? 
_entity_src_nat.pdbx_organ                 ? 
_entity_src_nat.pdbx_organelle             ? 
_entity_src_nat.pdbx_cell                  ? 
_entity_src_nat.pdbx_plasmid_name          ? 
_entity_src_nat.pdbx_plasmid_details       ? 
_entity_src_nat.details                    ? 
# 
loop_
_chem_comp.id 
_chem_comp.type 
_chem_comp.mon_nstd_flag 
_chem_comp.name 
_chem_comp.pdbx_synonyms 
_chem_comp.formula 
_chem_comp.formula_weight 
A   'RNA linking' y "ADENOSINE-5'-MONOPHOSPHATE"     ? 'C10 H14 N5 O7 P' 347.221 
C   'RNA linking' y "CYTIDINE-5'-MONOPHOSPHATE"      ? 'C9 H14 N3 O8 P'  323.197 
G   'RNA linking' y "GUANOSINE-5'-MONOPHOSPHATE"     ? 'C10 H14 N5 O8 P' 363.221 
PSU 'RNA linking' n "PSEUDOURIDINE-5'-MONOPHOSPHATE" ? 'C9 H13 N2 O9 P'  324.181 
U   'RNA linking' y "URIDINE-5'-MONOPHOSPHATE"       ? 'C9 H13 N2 O9 P'  324.181 
# 
loop_
_pdbx_poly_seq_scheme.asym_id 
_pdbx_poly_seq_scheme.entity_id 
_pdbx_poly_seq_scheme.seq_id 
_pdbx_poly_seq_scheme.mon_id 
_pdbx_poly_seq_scheme.ndb_seq_num 
_pdbx_poly_seq_scheme.pdb_seq_num 
_pdbx_poly_seq_scheme.auth_seq_num 
_pdbx_poly_seq_scheme.pdb_mon_id 
_pdbx_poly_seq_scheme.auth_mon_id 
_pdbx_poly_seq_scheme.pdb_strand_id 
_pdbx_poly_seq_scheme.pdb_ins_code 
_pdbx_poly_seq_scheme.hetero 
A 1 1  G   1  26 26 G   G   A . n 
A 1 2  C   2  27 27 C   C   A . n 
A 1 3  C   3  28 28 C   C   A . n 
A 1 4  A   4  29 29 A   A   A . n 
A 1 5  G   5  30 30 G   G   A . n 
A 1 6  A   6  31 31 A   A   A . n 
A 1 7  C   7  32 32 C   C   A . n 
A 1 8  U   8  33 33 U   U   A . n 
A 1 9  G   9  34 34 G   G   A . n 
A 1 10 A   10 35 35 A   A   A . n 
A 1 11 A   11 36 36 A   A   A . n 
A 1 12 G   12 37 37 G   G   A . n 
A 1 13 A   13 38 38 A   A   A . n 
A 1 14 PSU 14 39 39 PSU PSU A . n 
A 1 15 C   15 40 40 C   C   A . n 
A 1 16 U   16 41 41 U   U   A . n 
A 1 17 G   17 42 42 G   G   A . n 
# 
_exptl.entry_id          1LU3 
_exptl.method            'ELECTRON MICROSCOPY' 
_exptl.crystals_number   ? 
# 
_refine.entry_id                                 1LU3 
_refine.ls_R_factor_all                          ? 
_refine.ls_R_factor_obs                          ? 
_refine.ls_R_factor_R_work                       ? 
_refine.ls_d_res_high                            16.8 
_refine.ls_d_res_low                             ? 
_refine.ls_number_reflns_obs                     ? 
_refine.ls_percent_reflns_obs                    ? 
_refine.ls_number_reflns_all                     ? 
_refine.pdbx_ls_sigma_F                          ? 
_refine.pdbx_ls_sigma_I                          ? 
_refine.ls_redundancy_reflns_obs                 ? 
_refine.pdbx_data_cutoff_high_absF               ? 
_refine.pdbx_data_cutoff_low_absF                ? 
_refine.ls_number_parameters                     ? 
_refine.ls_number_restraints                     ? 
_refine.ls_R_factor_R_free                       ? 
_refine.ls_number_reflns_R_free                  ? 
_refine.ls_percent_reflns_R_free                 ? 
_refine.ls_R_factor_R_free_error                 ? 
_refine.ls_R_factor_R_free_error_details         ? 
_refine.pdbx_method_to_determine_struct          ? 
_refine.pdbx_starting_model                      ? 
_refine.pdbx_isotropic_thermal_model             ? 
_refine.B_iso_mean                               ? 
_refine.aniso_B[1][1]                            ? 
_refine.aniso_B[1][2]                            ? 
_refine.aniso_B[1][3]                            ? 
_refine.aniso_B[2][2]                            ? 
_refine.aniso_B[2][3]                            ? 
_refine.aniso_B[3][3]                            ? 
_refine.pdbx_ls_cross_valid_method               ? 
_refine.pdbx_R_Free_selection_details            ? 
_refine.pdbx_stereochem_target_val_spec_case     ? 
_refine.pdbx_stereochemistry_target_values       ? 
_refine.solvent_model_details                    ? 
_refine.solvent_model_param_bsol                 ? 
_refine.solvent_model_param_ksol                 ? 
_refine.occupancy_max                            ? 
_refine.occupancy_min                            ? 
_refine.overall_SU_B                             ? 
_refine.overall_SU_ML                            ? 
_refine.pdbx_overall_ESU_R                       ? 
_refine.pdbx_overall_ESU_R_Free                  ? 
_refine.pdbx_data_cutoff_high_rms_absF           ? 
_refine.details                                  ? 
_refine.B_iso_min                                ? 
_refine.B_iso_max                                ? 
_refine.correlation_coeff_Fo_to_Fc               ? 
_refine.correlation_coeff_Fo_to_Fc_free          ? 
_refine.overall_SU_R_Cruickshank_DPI             ? 
_refine.overall_SU_R_free                        ? 
_refine.pdbx_overall_phase_error                 ? 
_refine.pdbx_solvent_vdw_probe_radii             ? 
_refine.pdbx_solvent_ion_probe_radii             ? 
_refine.pdbx_solvent_shrinkage_radii             ? 
_refine.pdbx_refine_id                           'ELECTRON MICROSCOPY' 
_refine.pdbx_diffrn_id                           ? 
_refine.pdbx_TLS_residual_ADP_flag               ? 
_refine.pdbx_overall_SU_R_free_Cruickshank_DPI   ? 
_refine.pdbx_overall_SU_R_Blow_DPI               ? 
_refine.pdbx_overall_SU_R_free_Blow_DPI          ? 
# 
_refine_hist.pdbx_refine_id                   'ELECTRON MICROSCOPY' 
_refine_hist.cycle_id                         LAST 
_refine_hist.pdbx_number_atoms_protein        0 
_refine_hist.pdbx_number_atoms_nucleic_acid   365 
_refine_hist.pdbx_number_atoms_ligand         0 
_refine_hist.number_atoms_solvent             0 
_refine_hist.number_atoms_total               365 
_refine_hist.d_res_high                       16.8 
_refine_hist.d_res_low                        . 
# 
_struct.entry_id                  1LU3 
_struct.title                     
;Separate Fitting of the Anticodon Loop Region of tRNA (nucleotide 26-42) in the Low Resolution Cryo-EM Map of an EF-Tu Ternary Complex (GDP and Kirromycin) Bound to E. coli 70S Ribosome
;
_struct.pdbx_model_details        ? 
_struct.pdbx_CASP_flag            ? 
_struct.pdbx_model_type_details   ? 
# 
_struct_keywords.entry_id        1LU3 
_struct_keywords.pdbx_keywords   RNA 
_struct_keywords.text            'tRNA, ternary complex, cryo-EM, 70S E.coli ribosome, conformational change, RNA' 
# 
_struct_asym.id                            A 
_struct_asym.pdbx_blank_PDB_chainid_flag   N 
_struct_asym.pdbx_modified                 N 
_struct_asym.entity_id                     1 
_struct_asym.details                       ? 
# 
_struct_ref.id                         1 
_struct_ref.entity_id                  1 
_struct_ref.db_name                    PDB 
_struct_ref.db_code                    1LU3 
_struct_ref.pdbx_db_accession          1LU3 
_struct_ref.pdbx_db_isoform            ? 
_struct_ref.pdbx_seq_one_letter_code   ? 
_struct_ref.pdbx_align_begin           ? 
# 
_struct_ref_seq.align_id                      1 
_struct_ref_seq.ref_id                        1 
_struct_ref_seq.pdbx_PDB_id_code              1LU3 
_struct_ref_seq.pdbx_strand_id                A 
_struct_ref_seq.seq_align_beg                 1 
_struct_ref_seq.pdbx_seq_align_beg_ins_code   ? 
_struct_ref_seq.seq_align_end                 17 
_struct_ref_seq.pdbx_seq_align_end_ins_code   ? 
_struct_ref_seq.pdbx_db_accession             1LU3 
_struct_ref_seq.db_align_beg                  26 
_struct_ref_seq.pdbx_db_align_beg_ins_code    ? 
_struct_ref_seq.db_align_end                  42 
_struct_ref_seq.pdbx_db_align_end_ins_code    ? 
_struct_ref_seq.pdbx_auth_seq_align_beg       26 
_struct_ref_seq.pdbx_auth_seq_align_end       42 
# 
_pdbx_struct_assembly.id                   1 
_pdbx_struct_assembly.details              author_defined_assembly 
_pdbx_struct_assembly.method_details       ? 
_pdbx_struct_assembly.oligomeric_details   monomeric 
_pdbx_struct_assembly.oligomeric_count     1 
# 
_pdbx_struct_assembly_gen.assembly_id       1 
_pdbx_struct_assembly_gen.oper_expression   1 
_pdbx_struct_assembly_gen.asym_id_list      A 
# 
_pdbx_struct_oper_list.id                   1 
_pdbx_struct_oper_list.type                 'identity operation' 
_pdbx_struct_oper_list.name                 1_555 
_pdbx_struct_oper_list.symmetry_operation   x,y,z 
_pdbx_struct_oper_list.matrix[1][1]         1.0000000000 
_pdbx_struct_oper_list.matrix[1][2]         0.0000000000 
_pdbx_struct_oper_list.matrix[1][3]         0.0000000000 
_pdbx_struct_oper_list.vector[1]            0.0000000000 
_pdbx_struct_oper_list.matrix[2][1]         0.0000000000 
_pdbx_struct_oper_list.matrix[2][2]         1.0000000000 
_pdbx_struct_oper_list.matrix[2][3]         0.0000000000 
_pdbx_struct_oper_list.vector[2]            0.0000000000 
_pdbx_struct_oper_list.matrix[3][1]         0.0000000000 
_pdbx_struct_oper_list.matrix[3][2]         0.0000000000 
_pdbx_struct_oper_list.matrix[3][3]         1.0000000000 
_pdbx_struct_oper_list.vector[3]            0.0000000000 
# 
_struct_biol.id                    1 
_struct_biol.pdbx_parent_biol_id   ? 
_struct_biol.details               ? 
# 
loop_
_struct_conn.id 
_struct_conn.conn_type_id 
_struct_conn.pdbx_leaving_atom_flag 
_struct_conn.pdbx_PDB_id 
_struct_conn.ptnr1_label_asym_id 
_struct_conn.ptnr1_label_comp_id 
_struct_conn.ptnr1_label_seq_id 
_struct_conn.ptnr1_label_atom_id 
_struct_conn.pdbx_ptnr1_label_alt_id 
_struct_conn.pdbx_ptnr1_PDB_ins_code 
_struct_conn.pdbx_ptnr1_standard_comp_id 
_struct_conn.ptnr1_symmetry 
_struct_conn.ptnr2_label_asym_id 
_struct_conn.ptnr2_label_comp_id 
_struct_conn.ptnr2_label_seq_id 
_struct_conn.ptnr2_label_atom_id 
_struct_conn.pdbx_ptnr2_label_alt_id 
_struct_conn.pdbx_ptnr2_PDB_ins_code 
_struct_conn.ptnr1_auth_asym_id 
_struct_conn.ptnr1_auth_comp_id 
_struct_conn.ptnr1_auth_seq_id 
_struct_conn.ptnr2_auth_asym_id 
_struct_conn.ptnr2_auth_comp_id 
_struct_conn.ptnr2_auth_seq_id 
_struct_conn.ptnr2_symmetry 
_struct_conn.pdbx_ptnr3_label_atom_id 
_struct_conn.pdbx_ptnr3_label_seq_id 
_struct_conn.pdbx_ptnr3_label_comp_id 
_struct_conn.pdbx_ptnr3_label_asym_id 
_struct_conn.pdbx_ptnr3_label_alt_id 
_struct_conn.pdbx_ptnr3_PDB_ins_code 
_struct_conn.details 
_struct_conn.pdbx_dist_value 
_struct_conn.pdbx_value_order 
_struct_conn.pdbx_role 
covale1  covale both ? A A   13 "O3'" ? ? ? 1_555 A PSU 14 P  ? ? A A   38 A PSU 39 1_555 ? ? ? ? ? ? ?                       
1.599 ? ? 
covale2  covale both ? A PSU 14 "O3'" ? ? ? 1_555 A C   15 P  ? ? A PSU 39 A C   40 1_555 ? ? ? ? ? ? ?                       
1.600 ? ? 
hydrog1  hydrog ?    ? A C   3  N3    ? ? ? 1_555 A G   17 N1 ? ? A C   28 A G   42 1_555 ? ? ? ? ? ? WATSON-CRICK            ? ? 
? 
hydrog2  hydrog ?    ? A C   3  N4    ? ? ? 1_555 A G   17 O6 ? ? A C   28 A G   42 1_555 ? ? ? ? ? ? WATSON-CRICK            ? ? 
? 
hydrog3  hydrog ?    ? A C   3  O2    ? ? ? 1_555 A G   17 N2 ? ? A C   28 A G   42 1_555 ? ? ? ? ? ? WATSON-CRICK            ? ? 
? 
hydrog4  hydrog ?    ? A A   4  N1    ? ? ? 1_555 A U   16 N3 ? ? A A   29 A U   41 1_555 ? ? ? ? ? ? WATSON-CRICK            ? ? 
? 
hydrog5  hydrog ?    ? A A   4  N6    ? ? ? 1_555 A U   16 O4 ? ? A A   29 A U   41 1_555 ? ? ? ? ? ? WATSON-CRICK            ? ? 
? 
hydrog6  hydrog ?    ? A G   5  N1    ? ? ? 1_555 A C   15 N3 ? ? A G   30 A C   40 1_555 ? ? ? ? ? ? WATSON-CRICK            ? ? 
? 
hydrog7  hydrog ?    ? A G   5  N2    ? ? ? 1_555 A C   15 O2 ? ? A G   30 A C   40 1_555 ? ? ? ? ? ? WATSON-CRICK            ? ? 
? 
hydrog8  hydrog ?    ? A G   5  O6    ? ? ? 1_555 A C   15 N4 ? ? A G   30 A C   40 1_555 ? ? ? ? ? ? WATSON-CRICK            ? ? 
? 
hydrog9  hydrog ?    ? A A   6  N1    ? ? ? 1_555 A PSU 14 N3 ? ? A A   31 A PSU 39 1_555 ? ? ? ? ? ? 'REVERSED WATSON-CRICK' ? ? 
? 
hydrog10 hydrog ?    ? A A   6  N6    ? ? ? 1_555 A PSU 14 O2 ? ? A A   31 A PSU 39 1_555 ? ? ? ? ? ? 'REVERSED WATSON-CRICK' ? ? 
? 
# 
loop_
_struct_conn_type.id 
_struct_conn_type.criteria 
_struct_conn_type.reference 
covale ? ? 
hydrog ? ? 
# 
loop_
_pdbx_validate_rmsd_bond.id 
_pdbx_validate_rmsd_bond.PDB_model_num 
_pdbx_validate_rmsd_bond.auth_atom_id_1 
_pdbx_validate_rmsd_bond.auth_asym_id_1 
_pdbx_validate_rmsd_bond.auth_comp_id_1 
_pdbx_validate_rmsd_bond.auth_seq_id_1 
_pdbx_validate_rmsd_bond.PDB_ins_code_1 
_pdbx_validate_rmsd_bond.label_alt_id_1 
_pdbx_validate_rmsd_bond.auth_atom_id_2 
_pdbx_validate_rmsd_bond.auth_asym_id_2 
_pdbx_validate_rmsd_bond.auth_comp_id_2 
_pdbx_validate_rmsd_bond.auth_seq_id_2 
_pdbx_validate_rmsd_bond.PDB_ins_code_2 
_pdbx_validate_rmsd_bond.label_alt_id_2 
_pdbx_validate_rmsd_bond.bond_value 
_pdbx_validate_rmsd_bond.bond_target_value 
_pdbx_validate_rmsd_bond.bond_deviation 
_pdbx_validate_rmsd_bond.bond_standard_deviation 
_pdbx_validate_rmsd_bond.linker_flag 
1  1 N3 A G 26 ? ? C4 A G 26 ? ? 1.440 1.350 0.090  0.007 N 
2  1 C4 A G 26 ? ? C5 A G 26 ? ? 1.332 1.379 -0.047 0.007 N 
3  1 C5 A G 26 ? ? N7 A G 26 ? ? 1.437 1.388 0.049  0.006 N 
4  1 N7 A G 26 ? ? C8 A G 26 ? ? 1.262 1.305 -0.043 0.006 N 
5  1 C8 A G 26 ? ? N9 A G 26 ? ? 1.303 1.374 -0.071 0.007 N 
6  1 N9 A G 26 ? ? C4 A G 26 ? ? 1.309 1.375 -0.066 0.008 N 
7  1 C2 A C 27 ? ? N3 A C 27 ? ? 1.445 1.353 0.092  0.008 N 
8  1 N3 A C 27 ? ? C4 A C 27 ? ? 1.271 1.335 -0.064 0.007 N 
9  1 C4 A C 27 ? ? C5 A C 27 ? ? 1.475 1.425 0.050  0.008 N 
10 1 C2 A C 28 ? ? N3 A C 28 ? ? 1.443 1.353 0.090  0.008 N 
11 1 N3 A C 28 ? ? C4 A C 28 ? ? 1.270 1.335 -0.065 0.007 N 
12 1 C4 A C 28 ? ? C5 A C 28 ? ? 1.475 1.425 0.050  0.008 N 
13 1 C5 A A 29 ? ? N7 A A 29 ? ? 1.340 1.388 -0.048 0.006 N 
14 1 N7 A A 29 ? ? C8 A A 29 ? ? 1.267 1.311 -0.044 0.007 N 
15 1 C8 A A 29 ? ? N9 A A 29 ? ? 1.306 1.373 -0.067 0.008 N 
16 1 N3 A G 30 ? ? C4 A G 30 ? ? 1.440 1.350 0.090  0.007 N 
17 1 C4 A G 30 ? ? C5 A G 30 ? ? 1.332 1.379 -0.047 0.007 N 
18 1 C5 A G 30 ? ? N7 A G 30 ? ? 1.436 1.388 0.048  0.006 N 
19 1 N7 A G 30 ? ? C8 A G 30 ? ? 1.262 1.305 -0.043 0.006 N 
20 1 C8 A G 30 ? ? N9 A G 30 ? ? 1.303 1.374 -0.071 0.007 N 
21 1 N9 A G 30 ? ? C4 A G 30 ? ? 1.309 1.375 -0.066 0.008 N 
22 1 C5 A A 31 ? ? N7 A A 31 ? ? 1.340 1.388 -0.048 0.006 N 
23 1 N7 A A 31 ? ? C8 A A 31 ? ? 1.268 1.311 -0.043 0.007 N 
24 1 C8 A A 31 ? ? N9 A A 31 ? ? 1.308 1.373 -0.065 0.008 N 
25 1 C2 A C 32 ? ? N3 A C 32 ? ? 1.445 1.353 0.092  0.008 N 
26 1 N3 A C 32 ? ? C4 A C 32 ? ? 1.270 1.335 -0.065 0.007 N 
27 1 C4 A C 32 ? ? C5 A C 32 ? ? 1.475 1.425 0.050  0.008 N 
28 1 N3 A G 34 ? ? C4 A G 34 ? ? 1.441 1.350 0.091  0.007 N 
29 1 C4 A G 34 ? ? C5 A G 34 ? ? 1.331 1.379 -0.048 0.007 N 
30 1 C5 A G 34 ? ? N7 A G 34 ? ? 1.435 1.388 0.047  0.006 N 
31 1 N7 A G 34 ? ? C8 A G 34 ? ? 1.262 1.305 -0.043 0.006 N 
32 1 C8 A G 34 ? ? N9 A G 34 ? ? 1.302 1.374 -0.072 0.007 N 
33 1 N9 A G 34 ? ? C4 A G 34 ? ? 1.310 1.375 -0.065 0.008 N 
34 1 C5 A A 35 ? ? N7 A A 35 ? ? 1.338 1.388 -0.050 0.006 N 
35 1 N7 A A 35 ? ? C8 A A 35 ? ? 1.267 1.311 -0.044 0.007 N 
36 1 C8 A A 35 ? ? N9 A A 35 ? ? 1.307 1.373 -0.066 0.008 N 
37 1 C5 A A 36 ? ? N7 A A 36 ? ? 1.338 1.388 -0.050 0.006 N 
38 1 N7 A A 36 ? ? C8 A A 36 ? ? 1.268 1.311 -0.043 0.007 N 
39 1 C8 A A 36 ? ? N9 A A 36 ? ? 1.308 1.373 -0.065 0.008 N 
40 1 C2 A G 37 ? ? N3 A G 37 ? ? 1.273 1.323 -0.050 0.008 N 
41 1 N3 A G 37 ? ? C4 A G 37 ? ? 1.439 1.350 0.089  0.007 N 
42 1 C4 A G 37 ? ? C5 A G 37 ? ? 1.332 1.379 -0.047 0.007 N 
43 1 C5 A G 37 ? ? N7 A G 37 ? ? 1.436 1.388 0.048  0.006 N 
44 1 N7 A G 37 ? ? C8 A G 37 ? ? 1.261 1.305 -0.044 0.006 N 
45 1 C8 A G 37 ? ? N9 A G 37 ? ? 1.302 1.374 -0.072 0.007 N 
46 1 N9 A G 37 ? ? C4 A G 37 ? ? 1.310 1.375 -0.065 0.008 N 
47 1 C5 A A 38 ? ? N7 A A 38 ? ? 1.340 1.388 -0.048 0.006 N 
48 1 N7 A A 38 ? ? C8 A A 38 ? ? 1.269 1.311 -0.042 0.007 N 
49 1 C8 A A 38 ? ? N9 A A 38 ? ? 1.308 1.373 -0.065 0.008 N 
50 1 C2 A C 40 ? ? N3 A C 40 ? ? 1.445 1.353 0.092  0.008 N 
51 1 N3 A C 40 ? ? C4 A C 40 ? ? 1.271 1.335 -0.064 0.007 N 
52 1 C4 A C 40 ? ? C5 A C 40 ? ? 1.474 1.425 0.049  0.008 N 
53 1 N3 A G 42 ? ? C4 A G 42 ? ? 1.442 1.350 0.092  0.007 N 
54 1 C4 A G 42 ? ? C5 A G 42 ? ? 1.332 1.379 -0.047 0.007 N 
55 1 C5 A G 42 ? ? N7 A G 42 ? ? 1.437 1.388 0.049  0.006 N 
56 1 N7 A G 42 ? ? C8 A G 42 ? ? 1.261 1.305 -0.044 0.006 N 
57 1 C8 A G 42 ? ? N9 A G 42 ? ? 1.302 1.374 -0.072 0.007 N 
58 1 N9 A G 42 ? ? C4 A G 42 ? ? 1.309 1.375 -0.066 0.008 N 
# 
loop_
_pdbx_validate_rmsd_angle.id 
_pdbx_validate_rmsd_angle.PDB_model_num 
_pdbx_validate_rmsd_angle.auth_atom_id_1 
_pdbx_validate_rmsd_angle.auth_asym_id_1 
_pdbx_validate_rmsd_angle.auth_comp_id_1 
_pdbx_validate_rmsd_angle.auth_seq_id_1 
_pdbx_validate_rmsd_angle.PDB_ins_code_1 
_pdbx_validate_rmsd_angle.label_alt_id_1 
_pdbx_validate_rmsd_angle.auth_atom_id_2 
_pdbx_validate_rmsd_angle.auth_asym_id_2 
_pdbx_validate_rmsd_angle.auth_comp_id_2 
_pdbx_validate_rmsd_angle.auth_seq_id_2 
_pdbx_validate_rmsd_angle.PDB_ins_code_2 
_pdbx_validate_rmsd_angle.label_alt_id_2 
_pdbx_validate_rmsd_angle.auth_atom_id_3 
_pdbx_validate_rmsd_angle.auth_asym_id_3 
_pdbx_validate_rmsd_angle.auth_comp_id_3 
_pdbx_validate_rmsd_angle.auth_seq_id_3 
_pdbx_validate_rmsd_angle.PDB_ins_code_3 
_pdbx_validate_rmsd_angle.label_alt_id_3 
_pdbx_validate_rmsd_angle.angle_value 
_pdbx_validate_rmsd_angle.angle_target_value 
_pdbx_validate_rmsd_angle.angle_deviation 
_pdbx_validate_rmsd_angle.angle_standard_deviation 
_pdbx_validate_rmsd_angle.linker_flag 
1   1 OP1 A G 26 ? ? P  A G 26 ? ? OP2 A G 26 ? ? 109.39 119.60 -10.21 1.50 N 
2   1 C2  A G 26 ? ? N3 A G 26 ? ? C4  A G 26 ? ? 120.25 111.90 8.35   0.50 N 
3   1 N3  A G 26 ? ? C4 A G 26 ? ? C5  A G 26 ? ? 119.09 128.60 -9.51  0.50 N 
4   1 C5  A G 26 ? ? C6 A G 26 ? ? N1  A G 26 ? ? 115.09 111.50 3.59   0.50 N 
5   1 C4  A G 26 ? ? C5 A G 26 ? ? N7  A G 26 ? ? 101.17 110.80 -9.63  0.40 N 
6   1 C5  A G 26 ? ? N7 A G 26 ? ? C8  A G 26 ? ? 109.49 104.30 5.19   0.50 N 
7   1 N7  A G 26 ? ? C8 A G 26 ? ? N9  A G 26 ? ? 109.56 113.10 -3.54  0.50 N 
8   1 N9  A G 26 ? ? C4 A G 26 ? ? C5  A G 26 ? ? 111.32 105.40 5.92   0.40 N 
9   1 C6  A G 26 ? ? C5 A G 26 ? ? N7  A G 26 ? ? 138.28 130.40 7.88   0.60 N 
10  1 N1  A G 26 ? ? C6 A G 26 ? ? O6  A G 26 ? ? 124.23 119.90 4.33   0.60 N 
11  1 C5  A G 26 ? ? C6 A G 26 ? ? O6  A G 26 ? ? 120.68 128.60 -7.92  0.60 N 
12  1 OP1 A C 27 ? ? P  A C 27 ? ? OP2 A C 27 ? ? 109.22 119.60 -10.38 1.50 N 
13  1 N3  A C 27 ? ? C4 A C 27 ? ? C5  A C 27 ? ? 117.70 121.90 -4.20  0.40 N 
14  1 C4  A C 27 ? ? C5 A C 27 ? ? C6  A C 27 ? ? 120.46 117.40 3.06   0.50 N 
15  1 N3  A C 27 ? ? C2 A C 27 ? ? O2  A C 27 ? ? 117.69 121.90 -4.21  0.70 N 
16  1 N3  A C 27 ? ? C4 A C 27 ? ? N4  A C 27 ? ? 123.02 118.00 5.02   0.70 N 
17  1 OP1 A C 28 ? ? P  A C 28 ? ? OP2 A C 28 ? ? 109.48 119.60 -10.12 1.50 N 
18  1 N3  A C 28 ? ? C4 A C 28 ? ? C5  A C 28 ? ? 117.64 121.90 -4.26  0.40 N 
19  1 C4  A C 28 ? ? C5 A C 28 ? ? C6  A C 28 ? ? 120.44 117.40 3.04   0.50 N 
20  1 N3  A C 28 ? ? C4 A C 28 ? ? N4  A C 28 ? ? 122.98 118.00 4.98   0.70 N 
21  1 OP1 A A 29 ? ? P  A A 29 ? ? OP2 A A 29 ? ? 109.35 119.60 -10.25 1.50 N 
22  1 N1  A A 29 ? ? C2 A A 29 ? ? N3  A A 29 ? ? 122.63 129.30 -6.67  0.50 N 
23  1 C2  A A 29 ? ? N3 A A 29 ? ? C4  A A 29 ? ? 117.85 110.60 7.25   0.50 N 
24  1 N3  A A 29 ? ? C4 A A 29 ? ? C5  A A 29 ? ? 119.86 126.80 -6.94  0.70 N 
25  1 C4  A A 29 ? ? C5 A A 29 ? ? C6  A A 29 ? ? 122.35 117.00 5.35   0.50 N 
26  1 C4  A A 29 ? ? C5 A A 29 ? ? N7  A A 29 ? ? 105.51 110.70 -5.19  0.50 N 
27  1 C5  A A 29 ? ? N7 A A 29 ? ? C8  A A 29 ? ? 109.88 103.90 5.98   0.50 N 
28  1 N3  A A 29 ? ? C4 A A 29 ? ? N9  A A 29 ? ? 134.01 127.40 6.61   0.80 N 
29  1 N1  A A 29 ? ? C6 A A 29 ? ? N6  A A 29 ? ? 122.99 118.60 4.39   0.60 N 
30  1 OP1 A G 30 ? ? P  A G 30 ? ? OP2 A G 30 ? ? 109.47 119.60 -10.13 1.50 N 
31  1 C2  A G 30 ? ? N3 A G 30 ? ? C4  A G 30 ? ? 120.33 111.90 8.43   0.50 N 
32  1 N3  A G 30 ? ? C4 A G 30 ? ? C5  A G 30 ? ? 118.92 128.60 -9.68  0.50 N 
33  1 C5  A G 30 ? ? C6 A G 30 ? ? N1  A G 30 ? ? 115.22 111.50 3.72   0.50 N 
34  1 C4  A G 30 ? ? C5 A G 30 ? ? N7  A G 30 ? ? 101.27 110.80 -9.53  0.40 N 
35  1 C5  A G 30 ? ? N7 A G 30 ? ? C8  A G 30 ? ? 109.42 104.30 5.12   0.50 N 
36  1 N7  A G 30 ? ? C8 A G 30 ? ? N9  A G 30 ? ? 109.60 113.10 -3.50  0.50 N 
37  1 N9  A G 30 ? ? C4 A G 30 ? ? C5  A G 30 ? ? 111.26 105.40 5.86   0.40 N 
38  1 N3  A G 30 ? ? C4 A G 30 ? ? N9  A G 30 ? ? 129.83 126.00 3.83   0.60 N 
39  1 C6  A G 30 ? ? C5 A G 30 ? ? N7  A G 30 ? ? 138.10 130.40 7.70   0.60 N 
40  1 N1  A G 30 ? ? C6 A G 30 ? ? O6  A G 30 ? ? 124.32 119.90 4.42   0.60 N 
41  1 C5  A G 30 ? ? C6 A G 30 ? ? O6  A G 30 ? ? 120.46 128.60 -8.14  0.60 N 
42  1 OP1 A A 31 ? ? P  A A 31 ? ? OP2 A A 31 ? ? 109.50 119.60 -10.10 1.50 N 
43  1 N1  A A 31 ? ? C2 A A 31 ? ? N3  A A 31 ? ? 122.66 129.30 -6.64  0.50 N 
44  1 C2  A A 31 ? ? N3 A A 31 ? ? C4  A A 31 ? ? 117.83 110.60 7.23   0.50 N 
45  1 N3  A A 31 ? ? C4 A A 31 ? ? C5  A A 31 ? ? 119.88 126.80 -6.92  0.70 N 
46  1 C4  A A 31 ? ? C5 A A 31 ? ? C6  A A 31 ? ? 122.27 117.00 5.27   0.50 N 
47  1 C4  A A 31 ? ? C5 A A 31 ? ? N7  A A 31 ? ? 105.51 110.70 -5.19  0.50 N 
48  1 C5  A A 31 ? ? N7 A A 31 ? ? C8  A A 31 ? ? 109.94 103.90 6.04   0.50 N 
49  1 N3  A A 31 ? ? C4 A A 31 ? ? N9  A A 31 ? ? 133.95 127.40 6.55   0.80 N 
50  1 N1  A A 31 ? ? C6 A A 31 ? ? N6  A A 31 ? ? 122.84 118.60 4.24   0.60 N 
51  1 OP1 A C 32 ? ? P  A C 32 ? ? OP2 A C 32 ? ? 109.55 119.60 -10.05 1.50 N 
52  1 N3  A C 32 ? ? C4 A C 32 ? ? C5  A C 32 ? ? 117.48 121.90 -4.42  0.40 N 
53  1 C4  A C 32 ? ? C5 A C 32 ? ? C6  A C 32 ? ? 120.66 117.40 3.26   0.50 N 
54  1 N1  A C 32 ? ? C2 A C 32 ? ? O2  A C 32 ? ? 122.51 118.90 3.61   0.60 N 
55  1 N3  A C 32 ? ? C4 A C 32 ? ? N4  A C 32 ? ? 122.90 118.00 4.90   0.70 N 
56  1 OP1 A U 33 ? ? P  A U 33 ? ? OP2 A U 33 ? ? 109.40 119.60 -10.20 1.50 N 
57  1 N1  A U 33 ? ? C2 A U 33 ? ? N3  A U 33 ? ? 118.70 114.90 3.80   0.60 N 
58  1 C2  A U 33 ? ? N3 A U 33 ? ? C4  A U 33 ? ? 122.13 127.00 -4.87  0.60 N 
59  1 C5  A U 33 ? ? C4 A U 33 ? ? O4  A U 33 ? ? 119.45 125.90 -6.45  0.60 N 
60  1 OP1 A G 34 ? ? P  A G 34 ? ? OP2 A G 34 ? ? 109.46 119.60 -10.14 1.50 N 
61  1 C2  A G 34 ? ? N3 A G 34 ? ? C4  A G 34 ? ? 120.31 111.90 8.41   0.50 N 
62  1 N3  A G 34 ? ? C4 A G 34 ? ? C5  A G 34 ? ? 118.95 128.60 -9.65  0.50 N 
63  1 C5  A G 34 ? ? C6 A G 34 ? ? N1  A G 34 ? ? 115.37 111.50 3.87   0.50 N 
64  1 C4  A G 34 ? ? C5 A G 34 ? ? N7  A G 34 ? ? 101.19 110.80 -9.61  0.40 N 
65  1 C5  A G 34 ? ? N7 A G 34 ? ? C8  A G 34 ? ? 109.47 104.30 5.17   0.50 N 
66  1 N7  A G 34 ? ? C8 A G 34 ? ? N9  A G 34 ? ? 109.63 113.10 -3.47  0.50 N 
67  1 N9  A G 34 ? ? C4 A G 34 ? ? C5  A G 34 ? ? 111.36 105.40 5.96   0.40 N 
68  1 N3  A G 34 ? ? C4 A G 34 ? ? N9  A G 34 ? ? 129.69 126.00 3.69   0.60 N 
69  1 C6  A G 34 ? ? C5 A G 34 ? ? N7  A G 34 ? ? 138.17 130.40 7.77   0.60 N 
70  1 N1  A G 34 ? ? C6 A G 34 ? ? O6  A G 34 ? ? 124.32 119.90 4.42   0.60 N 
71  1 C5  A G 34 ? ? C6 A G 34 ? ? O6  A G 34 ? ? 120.30 128.60 -8.30  0.60 N 
72  1 OP1 A A 35 ? ? P  A A 35 ? ? OP2 A A 35 ? ? 109.40 119.60 -10.20 1.50 N 
73  1 N1  A A 35 ? ? C2 A A 35 ? ? N3  A A 35 ? ? 122.64 129.30 -6.66  0.50 N 
74  1 C2  A A 35 ? ? N3 A A 35 ? ? C4  A A 35 ? ? 118.02 110.60 7.42   0.50 N 
75  1 N3  A A 35 ? ? C4 A A 35 ? ? C5  A A 35 ? ? 119.58 126.80 -7.22  0.70 N 
76  1 C4  A A 35 ? ? C5 A A 35 ? ? C6  A A 35 ? ? 122.50 117.00 5.50   0.50 N 
77  1 C4  A A 35 ? ? C5 A A 35 ? ? N7  A A 35 ? ? 105.41 110.70 -5.29  0.50 N 
78  1 C5  A A 35 ? ? N7 A A 35 ? ? C8  A A 35 ? ? 110.05 103.90 6.15   0.50 N 
79  1 N3  A A 35 ? ? C4 A A 35 ? ? N9  A A 35 ? ? 134.15 127.40 6.75   0.80 N 
80  1 N1  A A 35 ? ? C6 A A 35 ? ? N6  A A 35 ? ? 122.86 118.60 4.26   0.60 N 
81  1 OP1 A A 36 ? ? P  A A 36 ? ? OP2 A A 36 ? ? 109.17 119.60 -10.43 1.50 N 
82  1 N1  A A 36 ? ? C2 A A 36 ? ? N3  A A 36 ? ? 122.57 129.30 -6.73  0.50 N 
83  1 C2  A A 36 ? ? N3 A A 36 ? ? C4  A A 36 ? ? 117.81 110.60 7.21   0.50 N 
84  1 N3  A A 36 ? ? C4 A A 36 ? ? C5  A A 36 ? ? 120.01 126.80 -6.79  0.70 N 
85  1 C4  A A 36 ? ? C5 A A 36 ? ? C6  A A 36 ? ? 122.21 117.00 5.21   0.50 N 
86  1 C4  A A 36 ? ? C5 A A 36 ? ? N7  A A 36 ? ? 105.45 110.70 -5.25  0.50 N 
87  1 C5  A A 36 ? ? N7 A A 36 ? ? C8  A A 36 ? ? 110.00 103.90 6.10   0.50 N 
88  1 N3  A A 36 ? ? C4 A A 36 ? ? N9  A A 36 ? ? 133.75 127.40 6.35   0.80 N 
89  1 N1  A A 36 ? ? C6 A A 36 ? ? N6  A A 36 ? ? 122.71 118.60 4.11   0.60 N 
90  1 OP1 A G 37 ? ? P  A G 37 ? ? OP2 A G 37 ? ? 109.24 119.60 -10.36 1.50 N 
91  1 C2  A G 37 ? ? N3 A G 37 ? ? C4  A G 37 ? ? 120.30 111.90 8.40   0.50 N 
92  1 N3  A G 37 ? ? C4 A G 37 ? ? C5  A G 37 ? ? 119.29 128.60 -9.31  0.50 N 
93  1 C5  A G 37 ? ? C6 A G 37 ? ? N1  A G 37 ? ? 115.23 111.50 3.73   0.50 N 
94  1 C4  A G 37 ? ? C5 A G 37 ? ? N7  A G 37 ? ? 101.13 110.80 -9.67  0.40 N 
95  1 C5  A G 37 ? ? N7 A G 37 ? ? C8  A G 37 ? ? 109.57 104.30 5.27   0.50 N 
96  1 N7  A G 37 ? ? C8 A G 37 ? ? N9  A G 37 ? ? 109.52 113.10 -3.58  0.50 N 
97  1 N9  A G 37 ? ? C4 A G 37 ? ? C5  A G 37 ? ? 111.33 105.40 5.93   0.40 N 
98  1 C6  A G 37 ? ? C5 A G 37 ? ? N7  A G 37 ? ? 138.55 130.40 8.15   0.60 N 
99  1 N1  A G 37 ? ? C6 A G 37 ? ? O6  A G 37 ? ? 123.83 119.90 3.93   0.60 N 
100 1 C5  A G 37 ? ? C6 A G 37 ? ? O6  A G 37 ? ? 120.94 128.60 -7.66  0.60 N 
101 1 OP1 A A 38 ? ? P  A A 38 ? ? OP2 A A 38 ? ? 109.43 119.60 -10.17 1.50 N 
102 1 N1  A A 38 ? ? C2 A A 38 ? ? N3  A A 38 ? ? 122.78 129.30 -6.52  0.50 N 
103 1 C2  A A 38 ? ? N3 A A 38 ? ? C4  A A 38 ? ? 117.81 110.60 7.21   0.50 N 
104 1 N3  A A 38 ? ? C4 A A 38 ? ? C5  A A 38 ? ? 119.87 126.80 -6.93  0.70 N 
105 1 C4  A A 38 ? ? C5 A A 38 ? ? C6  A A 38 ? ? 122.33 117.00 5.33   0.50 N 
106 1 C4  A A 38 ? ? C5 A A 38 ? ? N7  A A 38 ? ? 105.38 110.70 -5.32  0.50 N 
107 1 C5  A A 38 ? ? N7 A A 38 ? ? C8  A A 38 ? ? 109.98 103.90 6.08   0.50 N 
108 1 N3  A A 38 ? ? C4 A A 38 ? ? N9  A A 38 ? ? 133.82 127.40 6.42   0.80 N 
109 1 N1  A A 38 ? ? C6 A A 38 ? ? N6  A A 38 ? ? 122.71 118.60 4.11   0.60 N 
110 1 OP1 A C 40 ? ? P  A C 40 ? ? OP2 A C 40 ? ? 109.28 119.60 -10.32 1.50 N 
111 1 N3  A C 40 ? ? C4 A C 40 ? ? C5  A C 40 ? ? 117.75 121.90 -4.15  0.40 N 
112 1 N1  A C 40 ? ? C2 A C 40 ? ? O2  A C 40 ? ? 122.53 118.90 3.63   0.60 N 
113 1 N3  A C 40 ? ? C2 A C 40 ? ? O2  A C 40 ? ? 117.67 121.90 -4.23  0.70 N 
114 1 N3  A C 40 ? ? C4 A C 40 ? ? N4  A C 40 ? ? 123.04 118.00 5.04   0.70 N 
115 1 OP1 A U 41 ? ? P  A U 41 ? ? OP2 A U 41 ? ? 109.38 119.60 -10.22 1.50 N 
116 1 N1  A U 41 ? ? C2 A U 41 ? ? N3  A U 41 ? ? 118.74 114.90 3.84   0.60 N 
117 1 C2  A U 41 ? ? N3 A U 41 ? ? C4  A U 41 ? ? 121.95 127.00 -5.05  0.60 N 
118 1 C5  A U 41 ? ? C4 A U 41 ? ? O4  A U 41 ? ? 119.16 125.90 -6.74  0.60 N 
119 1 OP1 A G 42 ? ? P  A G 42 ? ? OP2 A G 42 ? ? 109.39 119.60 -10.21 1.50 N 
120 1 C2  A G 42 ? ? N3 A G 42 ? ? C4  A G 42 ? ? 120.10 111.90 8.20   0.50 N 
121 1 N3  A G 42 ? ? C4 A G 42 ? ? C5  A G 42 ? ? 119.16 128.60 -9.44  0.50 N 
122 1 C5  A G 42 ? ? C6 A G 42 ? ? N1  A G 42 ? ? 115.10 111.50 3.60   0.50 N 
123 1 C4  A G 42 ? ? C5 A G 42 ? ? N7  A G 42 ? ? 101.13 110.80 -9.67  0.40 N 
124 1 C5  A G 42 ? ? N7 A G 42 ? ? C8  A G 42 ? ? 109.50 104.30 5.20   0.50 N 
125 1 N7  A G 42 ? ? C8 A G 42 ? ? N9  A G 42 ? ? 109.56 113.10 -3.54  0.50 N 
126 1 N9  A G 42 ? ? C4 A G 42 ? ? C5  A G 42 ? ? 111.36 105.40 5.96   0.40 N 
127 1 C6  A G 42 ? ? C5 A G 42 ? ? N7  A G 42 ? ? 138.31 130.40 7.91   0.60 N 
128 1 N1  A G 42 ? ? C6 A G 42 ? ? O6  A G 42 ? ? 124.19 119.90 4.29   0.60 N 
129 1 C5  A G 42 ? ? C6 A G 42 ? ? O6  A G 42 ? ? 120.71 128.60 -7.89  0.60 N 
# 
_pdbx_struct_mod_residue.id               1 
_pdbx_struct_mod_residue.label_asym_id    A 
_pdbx_struct_mod_residue.label_comp_id    PSU 
_pdbx_struct_mod_residue.label_seq_id     14 
_pdbx_struct_mod_residue.auth_asym_id     A 
_pdbx_struct_mod_residue.auth_comp_id     PSU 
_pdbx_struct_mod_residue.auth_seq_id      39 
_pdbx_struct_mod_residue.PDB_ins_code     ? 
_pdbx_struct_mod_residue.parent_comp_id   U 
_pdbx_struct_mod_residue.details          "PSEUDOURIDINE-5'-MONOPHOSPHATE" 
# 
_em_3d_fitting.id                1 
_em_3d_fitting.entry_id          1LU3 
_em_3d_fitting.ref_protocol      OTHER 
_em_3d_fitting.ref_space         ? 
_em_3d_fitting.overall_b_value   ? 
_em_3d_fitting.target_criteria   ? 
_em_3d_fitting.details           METHOD--Manual 
_em_3d_fitting.method            ? 
# 
_em_3d_fitting_list.id                            1 
_em_3d_fitting_list.pdb_entry_id                  1TTT 
_em_3d_fitting_list.3d_fitting_id                 1 
_em_3d_fitting_list.pdb_chain_id                  ? 
_em_3d_fitting_list.initial_refinement_model_id   1 
_em_3d_fitting_list.chain_id                      ? 
_em_3d_fitting_list.chain_residue_range           ? 
_em_3d_fitting_list.pdb_chain_residue_range       ? 
_em_3d_fitting_list.source_name                   PDB 
_em_3d_fitting_list.type                          'experimental model' 
_em_3d_fitting_list.accession_code                1TTT 
_em_3d_fitting_list.details                       ? 
# 
_em_3d_reconstruction.entry_id                    1LU3 
_em_3d_reconstruction.id                          1 
_em_3d_reconstruction.symmetry_type               POINT 
_em_3d_reconstruction.num_particles               7985 
_em_3d_reconstruction.image_processing_id         1 
_em_3d_reconstruction.method                      'reference based alignment' 
_em_3d_reconstruction.nominal_pixel_size          ? 
_em_3d_reconstruction.actual_pixel_size           2.69 
_em_3d_reconstruction.resolution                  16.8 
_em_3d_reconstruction.magnification_calibration   TMV 
_em_3d_reconstruction.details                     'SPIDER package' 
_em_3d_reconstruction.resolution_method           ? 
_em_3d_reconstruction.num_class_averages          ? 
_em_3d_reconstruction.algorithm                   ? 
# 
_em_buffer.id            1 
_em_buffer.specimen_id   1 
_em_buffer.name          'Hepes-KOH buffer at pH 7.5' 
_em_buffer.pH            7.5 
_em_buffer.details       'Hepes-KOH buffer at pH 7.5' 
# 
_em_entity_assembly.id                   1 
_em_entity_assembly.name                 'E.coli 70S ribosome-Ternary complex-GDP-Kirromycin' 
_em_entity_assembly.type                 RIBOSOME 
_em_entity_assembly.parent_id            0 
_em_entity_assembly.synonym              ? 
_em_entity_assembly.details              'E.coli 70S ribosome-Ternary complex-GDP-Kirromycin' 
_em_entity_assembly.oligomeric_details   ? 
# 
_em_imaging.entry_id                        1LU3 
_em_imaging.id                              1 
_em_imaging.microscope_model                'FEI/PHILIPS EM420' 
_em_imaging.specimen_id                     1 
_em_imaging.date                            2001-03-01 
_em_imaging.temperature                     93 
_em_imaging.nominal_defocus_min             1000 
_em_imaging.nominal_defocus_max             3500 
_em_imaging.tilt_angle_min                  0 
_em_imaging.tilt_angle_max                  0 
_em_imaging.nominal_cs                      2 
_em_imaging.mode                            'BRIGHT FIELD' 
_em_imaging.illumination_mode               'FLOOD BEAM' 
_em_imaging.nominal_magnification           50000 
_em_imaging.calibrated_magnification        52000 
_em_imaging.electron_source                 LAB6 
_em_imaging.accelerating_voltage            100 
_em_imaging.details                         ? 
_em_imaging.specimen_holder_type            ? 
_em_imaging.specimen_holder_model           ? 
_em_imaging.citation_id                     ? 
_em_imaging.detector_distance               ? 
_em_imaging.recording_temperature_maximum   ? 
_em_imaging.recording_temperature_minimum   ? 
_em_imaging.astigmatism                     ? 
_em_imaging.electron_beam_tilt_params       ? 
# 
_em_vitrification.entry_id              1LU3 
_em_vitrification.id                    1 
_em_vitrification.instrument            'HOMEMADE PLUNGER' 
_em_vitrification.cryogen_name          ETHANE 
_em_vitrification.specimen_id           1 
_em_vitrification.details               'Rapid-freezing in liquid ethane' 
_em_vitrification.citation_id           ? 
_em_vitrification.humidity              ? 
_em_vitrification.method                ? 
_em_vitrification.temp                  ? 
_em_vitrification.time_resolved_state   ? 
# 
_em_experiment.entry_id                1LU3 
_em_experiment.id                      1 
_em_experiment.aggregation_state       PARTICLE 
_em_experiment.entity_assembly_id      1 
_em_experiment.reconstruction_method   'SINGLE PARTICLE' 
# 
_em_single_particle_entity.entry_id              1LU3 
_em_single_particle_entity.id                    1 
_em_single_particle_entity.point_symmetry        C1 
_em_single_particle_entity.image_processing_id   1 
# 
loop_
_chem_comp_atom.comp_id 
_chem_comp_atom.atom_id 
_chem_comp_atom.type_symbol 
_chem_comp_atom.pdbx_aromatic_flag 
_chem_comp_atom.pdbx_stereo_config 
_chem_comp_atom.pdbx_ordinal 
A   OP3    O N N 1   
A   P      P N N 2   
A   OP1    O N N 3   
A   OP2    O N N 4   
A   "O5'"  O N N 5   
A   "C5'"  C N N 6   
A   "C4'"  C N R 7   
A   "O4'"  O N N 8   
A   "C3'"  C N S 9   
A   "O3'"  O N N 10  
A   "C2'"  C N R 11  
A   "O2'"  O N N 12  
A   "C1'"  C N R 13  
A   N9     N Y N 14  
A   C8     C Y N 15  
A   N7     N Y N 16  
A   C5     C Y N 17  
A   C6     C Y N 18  
A   N6     N N N 19  
A   N1     N Y N 20  
A   C2     C Y N 21  
A   N3     N Y N 22  
A   C4     C Y N 23  
A   HOP3   H N N 24  
A   HOP2   H N N 25  
A   "H5'"  H N N 26  
A   "H5''" H N N 27  
A   "H4'"  H N N 28  
A   "H3'"  H N N 29  
A   "HO3'" H N N 30  
A   "H2'"  H N N 31  
A   "HO2'" H N N 32  
A   "H1'"  H N N 33  
A   H8     H N N 34  
A   H61    H N N 35  
A   H62    H N N 36  
A   H2     H N N 37  
C   OP3    O N N 38  
C   P      P N N 39  
C   OP1    O N N 40  
C   OP2    O N N 41  
C   "O5'"  O N N 42  
C   "C5'"  C N N 43  
C   "C4'"  C N R 44  
C   "O4'"  O N N 45  
C   "C3'"  C N S 46  
C   "O3'"  O N N 47  
C   "C2'"  C N R 48  
C   "O2'"  O N N 49  
C   "C1'"  C N R 50  
C   N1     N N N 51  
C   C2     C N N 52  
C   O2     O N N 53  
C   N3     N N N 54  
C   C4     C N N 55  
C   N4     N N N 56  
C   C5     C N N 57  
C   C6     C N N 58  
C   HOP3   H N N 59  
C   HOP2   H N N 60  
C   "H5'"  H N N 61  
C   "H5''" H N N 62  
C   "H4'"  H N N 63  
C   "H3'"  H N N 64  
C   "HO3'" H N N 65  
C   "H2'"  H N N 66  
C   "HO2'" H N N 67  
C   "H1'"  H N N 68  
C   H41    H N N 69  
C   H42    H N N 70  
C   H5     H N N 71  
C   H6     H N N 72  
G   OP3    O N N 73  
G   P      P N N 74  
G   OP1    O N N 75  
G   OP2    O N N 76  
G   "O5'"  O N N 77  
G   "C5'"  C N N 78  
G   "C4'"  C N R 79  
G   "O4'"  O N N 80  
G   "C3'"  C N S 81  
G   "O3'"  O N N 82  
G   "C2'"  C N R 83  
G   "O2'"  O N N 84  
G   "C1'"  C N R 85  
G   N9     N Y N 86  
G   C8     C Y N 87  
G   N7     N Y N 88  
G   C5     C Y N 89  
G   C6     C N N 90  
G   O6     O N N 91  
G   N1     N N N 92  
G   C2     C N N 93  
G   N2     N N N 94  
G   N3     N N N 95  
G   C4     C Y N 96  
G   HOP3   H N N 97  
G   HOP2   H N N 98  
G   "H5'"  H N N 99  
G   "H5''" H N N 100 
G   "H4'"  H N N 101 
G   "H3'"  H N N 102 
G   "HO3'" H N N 103 
G   "H2'"  H N N 104 
G   "HO2'" H N N 105 
G   "H1'"  H N N 106 
G   H8     H N N 107 
G   H1     H N N 108 
G   H21    H N N 109 
G   H22    H N N 110 
PSU N1     N N N 111 
PSU C2     C N N 112 
PSU N3     N N N 113 
PSU C4     C N N 114 
PSU C5     C N N 115 
PSU C6     C N N 116 
PSU O2     O N N 117 
PSU O4     O N N 118 
PSU "C1'"  C N S 119 
PSU "C2'"  C N R 120 
PSU "O2'"  O N N 121 
PSU "C3'"  C N S 122 
PSU "C4'"  C N R 123 
PSU "O3'"  O N N 124 
PSU "O4'"  O N N 125 
PSU "C5'"  C N N 126 
PSU "O5'"  O N N 127 
PSU P      P N N 128 
PSU OP1    O N N 129 
PSU OP2    O N N 130 
PSU OP3    O N N 131 
PSU HN1    H N N 132 
PSU HN3    H N N 133 
PSU H6     H N N 134 
PSU "H1'"  H N N 135 
PSU "H2'"  H N N 136 
PSU "HO2'" H N N 137 
PSU "H3'"  H N N 138 
PSU "H4'"  H N N 139 
PSU "HO3'" H N N 140 
PSU "H5'"  H N N 141 
PSU "H5''" H N N 142 
PSU HOP2   H N N 143 
PSU HOP3   H N N 144 
U   OP3    O N N 145 
U   P      P N N 146 
U   OP1    O N N 147 
U   OP2    O N N 148 
U   "O5'"  O N N 149 
U   "C5'"  C N N 150 
U   "C4'"  C N R 151 
U   "O4'"  O N N 152 
U   "C3'"  C N S 153 
U   "O3'"  O N N 154 
U   "C2'"  C N R 155 
U   "O2'"  O N N 156 
U   "C1'"  C N R 157 
U   N1     N N N 158 
U   C2     C N N 159 
U   O2     O N N 160 
U   N3     N N N 161 
U   C4     C N N 162 
U   O4     O N N 163 
U   C5     C N N 164 
U   C6     C N N 165 
U   HOP3   H N N 166 
U   HOP2   H N N 167 
U   "H5'"  H N N 168 
U   "H5''" H N N 169 
U   "H4'"  H N N 170 
U   "H3'"  H N N 171 
U   "HO3'" H N N 172 
U   "H2'"  H N N 173 
U   "HO2'" H N N 174 
U   "H1'"  H N N 175 
U   H3     H N N 176 
U   H5     H N N 177 
U   H6     H N N 178 
# 
loop_
_chem_comp_bond.comp_id 
_chem_comp_bond.atom_id_1 
_chem_comp_bond.atom_id_2 
_chem_comp_bond.value_order 
_chem_comp_bond.pdbx_aromatic_flag 
_chem_comp_bond.pdbx_stereo_config 
_chem_comp_bond.pdbx_ordinal 
A   OP3   P      sing N N 1   
A   OP3   HOP3   sing N N 2   
A   P     OP1    doub N N 3   
A   P     OP2    sing N N 4   
A   P     "O5'"  sing N N 5   
A   OP2   HOP2   sing N N 6   
A   "O5'" "C5'"  sing N N 7   
A   "C5'" "C4'"  sing N N 8   
A   "C5'" "H5'"  sing N N 9   
A   "C5'" "H5''" sing N N 10  
A   "C4'" "O4'"  sing N N 11  
A   "C4'" "C3'"  sing N N 12  
A   "C4'" "H4'"  sing N N 13  
A   "O4'" "C1'"  sing N N 14  
A   "C3'" "O3'"  sing N N 15  
A   "C3'" "C2'"  sing N N 16  
A   "C3'" "H3'"  sing N N 17  
A   "O3'" "HO3'" sing N N 18  
A   "C2'" "O2'"  sing N N 19  
A   "C2'" "C1'"  sing N N 20  
A   "C2'" "H2'"  sing N N 21  
A   "O2'" "HO2'" sing N N 22  
A   "C1'" N9     sing N N 23  
A   "C1'" "H1'"  sing N N 24  
A   N9    C8     sing Y N 25  
A   N9    C4     sing Y N 26  
A   C8    N7     doub Y N 27  
A   C8    H8     sing N N 28  
A   N7    C5     sing Y N 29  
A   C5    C6     sing Y N 30  
A   C5    C4     doub Y N 31  
A   C6    N6     sing N N 32  
A   C6    N1     doub Y N 33  
A   N6    H61    sing N N 34  
A   N6    H62    sing N N 35  
A   N1    C2     sing Y N 36  
A   C2    N3     doub Y N 37  
A   C2    H2     sing N N 38  
A   N3    C4     sing Y N 39  
C   OP3   P      sing N N 40  
C   OP3   HOP3   sing N N 41  
C   P     OP1    doub N N 42  
C   P     OP2    sing N N 43  
C   P     "O5'"  sing N N 44  
C   OP2   HOP2   sing N N 45  
C   "O5'" "C5'"  sing N N 46  
C   "C5'" "C4'"  sing N N 47  
C   "C5'" "H5'"  sing N N 48  
C   "C5'" "H5''" sing N N 49  
C   "C4'" "O4'"  sing N N 50  
C   "C4'" "C3'"  sing N N 51  
C   "C4'" "H4'"  sing N N 52  
C   "O4'" "C1'"  sing N N 53  
C   "C3'" "O3'"  sing N N 54  
C   "C3'" "C2'"  sing N N 55  
C   "C3'" "H3'"  sing N N 56  
C   "O3'" "HO3'" sing N N 57  
C   "C2'" "O2'"  sing N N 58  
C   "C2'" "C1'"  sing N N 59  
C   "C2'" "H2'"  sing N N 60  
C   "O2'" "HO2'" sing N N 61  
C   "C1'" N1     sing N N 62  
C   "C1'" "H1'"  sing N N 63  
C   N1    C2     sing N N 64  
C   N1    C6     sing N N 65  
C   C2    O2     doub N N 66  
C   C2    N3     sing N N 67  
C   N3    C4     doub N N 68  
C   C4    N4     sing N N 69  
C   C4    C5     sing N N 70  
C   N4    H41    sing N N 71  
C   N4    H42    sing N N 72  
C   C5    C6     doub N N 73  
C   C5    H5     sing N N 74  
C   C6    H6     sing N N 75  
G   OP3   P      sing N N 76  
G   OP3   HOP3   sing N N 77  
G   P     OP1    doub N N 78  
G   P     OP2    sing N N 79  
G   P     "O5'"  sing N N 80  
G   OP2   HOP2   sing N N 81  
G   "O5'" "C5'"  sing N N 82  
G   "C5'" "C4'"  sing N N 83  
G   "C5'" "H5'"  sing N N 84  
G   "C5'" "H5''" sing N N 85  
G   "C4'" "O4'"  sing N N 86  
G   "C4'" "C3'"  sing N N 87  
G   "C4'" "H4'"  sing N N 88  
G   "O4'" "C1'"  sing N N 89  
G   "C3'" "O3'"  sing N N 90  
G   "C3'" "C2'"  sing N N 91  
G   "C3'" "H3'"  sing N N 92  
G   "O3'" "HO3'" sing N N 93  
G   "C2'" "O2'"  sing N N 94  
G   "C2'" "C1'"  sing N N 95  
G   "C2'" "H2'"  sing N N 96  
G   "O2'" "HO2'" sing N N 97  
G   "C1'" N9     sing N N 98  
G   "C1'" "H1'"  sing N N 99  
G   N9    C8     sing Y N 100 
G   N9    C4     sing Y N 101 
G   C8    N7     doub Y N 102 
G   C8    H8     sing N N 103 
G   N7    C5     sing Y N 104 
G   C5    C6     sing N N 105 
G   C5    C4     doub Y N 106 
G   C6    O6     doub N N 107 
G   C6    N1     sing N N 108 
G   N1    C2     sing N N 109 
G   N1    H1     sing N N 110 
G   C2    N2     sing N N 111 
G   C2    N3     doub N N 112 
G   N2    H21    sing N N 113 
G   N2    H22    sing N N 114 
G   N3    C4     sing N N 115 
PSU N1    C2     sing N N 116 
PSU N1    C6     sing N N 117 
PSU N1    HN1    sing N N 118 
PSU C2    N3     sing N N 119 
PSU C2    O2     doub N N 120 
PSU N3    C4     sing N N 121 
PSU N3    HN3    sing N N 122 
PSU C4    C5     sing N N 123 
PSU C4    O4     doub N N 124 
PSU C5    C6     doub N N 125 
PSU C5    "C1'"  sing N N 126 
PSU C6    H6     sing N N 127 
PSU "C1'" "C2'"  sing N N 128 
PSU "C1'" "O4'"  sing N N 129 
PSU "C1'" "H1'"  sing N N 130 
PSU "C2'" "O2'"  sing N N 131 
PSU "C2'" "C3'"  sing N N 132 
PSU "C2'" "H2'"  sing N N 133 
PSU "O2'" "HO2'" sing N N 134 
PSU "C3'" "C4'"  sing N N 135 
PSU "C3'" "O3'"  sing N N 136 
PSU "C3'" "H3'"  sing N N 137 
PSU "C4'" "O4'"  sing N N 138 
PSU "C4'" "C5'"  sing N N 139 
PSU "C4'" "H4'"  sing N N 140 
PSU "O3'" "HO3'" sing N N 141 
PSU "C5'" "O5'"  sing N N 142 
PSU "C5'" "H5'"  sing N N 143 
PSU "C5'" "H5''" sing N N 144 
PSU "O5'" P      sing N N 145 
PSU P     OP1    doub N N 146 
PSU P     OP2    sing N N 147 
PSU P     OP3    sing N N 148 
PSU OP2   HOP2   sing N N 149 
PSU OP3   HOP3   sing N N 150 
U   OP3   P      sing N N 151 
U   OP3   HOP3   sing N N 152 
U   P     OP1    doub N N 153 
U   P     OP2    sing N N 154 
U   P     "O5'"  sing N N 155 
U   OP2   HOP2   sing N N 156 
U   "O5'" "C5'"  sing N N 157 
U   "C5'" "C4'"  sing N N 158 
U   "C5'" "H5'"  sing N N 159 
U   "C5'" "H5''" sing N N 160 
U   "C4'" "O4'"  sing N N 161 
U   "C4'" "C3'"  sing N N 162 
U   "C4'" "H4'"  sing N N 163 
U   "O4'" "C1'"  sing N N 164 
U   "C3'" "O3'"  sing N N 165 
U   "C3'" "C2'"  sing N N 166 
U   "C3'" "H3'"  sing N N 167 
U   "O3'" "HO3'" sing N N 168 
U   "C2'" "O2'"  sing N N 169 
U   "C2'" "C1'"  sing N N 170 
U   "C2'" "H2'"  sing N N 171 
U   "O2'" "HO2'" sing N N 172 
U   "C1'" N1     sing N N 173 
U   "C1'" "H1'"  sing N N 174 
U   N1    C2     sing N N 175 
U   N1    C6     sing N N 176 
U   C2    O2     doub N N 177 
U   C2    N3     sing N N 178 
U   N3    C4     sing N N 179 
U   N3    H3     sing N N 180 
U   C4    O4     doub N N 181 
U   C4    C5     sing N N 182 
U   C5    C6     doub N N 183 
U   C5    H5     sing N N 184 
U   C6    H6     sing N N 185 
# 
_em_ctf_correction.id        1 
_em_ctf_correction.details   'CTF correction of 3D-maps' 
_em_ctf_correction.type      . 
# 
_em_image_processing.id                   1 
_em_image_processing.image_recording_id   1 
_em_image_processing.details              ? 
# 
_em_image_recording.details                       ? 
_em_image_recording.id                            1 
_em_image_recording.avg_electron_dose_per_image   10 
_em_image_recording.film_or_detector_model        'KODAK SO-163 FILM' 
_em_image_recording.imaging_id                    1 
_em_image_recording.detector_mode                 ? 
_em_image_recording.average_exposure_time         ? 
_em_image_recording.num_diffraction_images        ? 
_em_image_recording.num_grids_imaged              ? 
_em_image_recording.num_real_images               ? 
# 
loop_
_em_software.id 
_em_software.name 
_em_software.version 
_em_software.category 
_em_software.details 
_em_software.image_processing_id 
1 O      ? 'MODEL FITTING' Manual ? 
2 SPIDER ? RECONSTRUCTION  ?      1 
# 
_em_specimen.experiment_id           1 
_em_specimen.id                      1 
_em_specimen.concentration           ? 
_em_specimen.vitrification_applied   YES 
_em_specimen.staining_applied        NO 
_em_specimen.embedding_applied       NO 
_em_specimen.shadowing_applied       NO 
_em_specimen.details                 ? 
# 
loop_
_ndb_struct_conf_na.entry_id 
_ndb_struct_conf_na.feature 
1LU3 'a-form double helix'  
1LU3 'hairpin loop'         
1LU3 'mismatched base pair' 
# 
loop_
_ndb_struct_na_base_pair.model_number 
_ndb_struct_na_base_pair.i_label_asym_id 
_ndb_struct_na_base_pair.i_label_comp_id 
_ndb_struct_na_base_pair.i_label_seq_id 
_ndb_struct_na_base_pair.i_symmetry 
_ndb_struct_na_base_pair.j_label_asym_id 
_ndb_struct_na_base_pair.j_label_comp_id 
_ndb_struct_na_base_pair.j_label_seq_id 
_ndb_struct_na_base_pair.j_symmetry 
_ndb_struct_na_base_pair.shear 
_ndb_struct_na_base_pair.stretch 
_ndb_struct_na_base_pair.stagger 
_ndb_struct_na_base_pair.buckle 
_ndb_struct_na_base_pair.propeller 
_ndb_struct_na_base_pair.opening 
_ndb_struct_na_base_pair.pair_number 
_ndb_struct_na_base_pair.pair_name 
_ndb_struct_na_base_pair.i_auth_asym_id 
_ndb_struct_na_base_pair.i_auth_seq_id 
_ndb_struct_na_base_pair.i_PDB_ins_code 
_ndb_struct_na_base_pair.j_auth_asym_id 
_ndb_struct_na_base_pair.j_auth_seq_id 
_ndb_struct_na_base_pair.j_PDB_ins_code 
_ndb_struct_na_base_pair.hbond_type_28 
_ndb_struct_na_base_pair.hbond_type_12 
1 A C 3 1_555 A G   17 1_555 -0.155 -0.336 -1.123 18.124  -5.261 -1.690  1 A_C28:G42_A   A 28 ? A 42 ? 19 1 
1 A A 4 1_555 A U   16 1_555 0.424  -0.356 -0.944 -11.369 9.170  -9.272  2 A_A29:U41_A   A 29 ? A 41 ? 20 1 
1 A G 5 1_555 A C   15 1_555 -0.328 -0.183 -0.522 -18.822 -5.476 -9.858  3 A_G30:C40_A   A 30 ? A 40 ? 19 1 
1 A A 6 1_555 A PSU 14 1_555 1.382  -0.235 -0.303 -11.199 -2.069 -10.542 4 A_A31:PSU39_A A 31 ? A 39 ? 21 1 
# 
loop_
_ndb_struct_na_base_pair_step.model_number 
_ndb_struct_na_base_pair_step.i_label_asym_id_1 
_ndb_struct_na_base_pair_step.i_label_comp_id_1 
_ndb_struct_na_base_pair_step.i_label_seq_id_1 
_ndb_struct_na_base_pair_step.i_symmetry_1 
_ndb_struct_na_base_pair_step.j_label_asym_id_1 
_ndb_struct_na_base_pair_step.j_label_comp_id_1 
_ndb_struct_na_base_pair_step.j_label_seq_id_1 
_ndb_struct_na_base_pair_step.j_symmetry_1 
_ndb_struct_na_base_pair_step.i_label_asym_id_2 
_ndb_struct_na_base_pair_step.i_label_comp_id_2 
_ndb_struct_na_base_pair_step.i_label_seq_id_2 
_ndb_struct_na_base_pair_step.i_symmetry_2 
_ndb_struct_na_base_pair_step.j_label_asym_id_2 
_ndb_struct_na_base_pair_step.j_label_comp_id_2 
_ndb_struct_na_base_pair_step.j_label_seq_id_2 
_ndb_struct_na_base_pair_step.j_symmetry_2 
_ndb_struct_na_base_pair_step.shift 
_ndb_struct_na_base_pair_step.slide 
_ndb_struct_na_base_pair_step.rise 
_ndb_struct_na_base_pair_step.tilt 
_ndb_struct_na_base_pair_step.roll 
_ndb_struct_na_base_pair_step.twist 
_ndb_struct_na_base_pair_step.x_displacement 
_ndb_struct_na_base_pair_step.y_displacement 
_ndb_struct_na_base_pair_step.helical_rise 
_ndb_struct_na_base_pair_step.inclination 
_ndb_struct_na_base_pair_step.tip 
_ndb_struct_na_base_pair_step.helical_twist 
_ndb_struct_na_base_pair_step.step_number 
_ndb_struct_na_base_pair_step.step_name 
_ndb_struct_na_base_pair_step.i_auth_asym_id_1 
_ndb_struct_na_base_pair_step.i_auth_seq_id_1 
_ndb_struct_na_base_pair_step.i_PDB_ins_code_1 
_ndb_struct_na_base_pair_step.j_auth_asym_id_1 
_ndb_struct_na_base_pair_step.j_auth_seq_id_1 
_ndb_struct_na_base_pair_step.j_PDB_ins_code_1 
_ndb_struct_na_base_pair_step.i_auth_asym_id_2 
_ndb_struct_na_base_pair_step.i_auth_seq_id_2 
_ndb_struct_na_base_pair_step.i_PDB_ins_code_2 
_ndb_struct_na_base_pair_step.j_auth_asym_id_2 
_ndb_struct_na_base_pair_step.j_auth_seq_id_2 
_ndb_struct_na_base_pair_step.j_PDB_ins_code_2 
1 A C 3 1_555 A G 17 1_555 A A 4 1_555 A U   16 1_555 -0.304 -1.568 4.300 -4.602 13.459 33.490 -4.843 -0.308 3.450 22.156 7.575  
36.305 1 AA_C28A29:U41G42_AA   A 28 ? A 42 ? A 29 ? A 41 ? 
1 A A 4 1_555 A U 16 1_555 A G 5 1_555 A C   15 1_555 -0.096 -2.220 3.468 0.074  4.955  26.379 -6.060 0.225  3.007 10.737 -0.161 
26.832 2 AA_A29G30:C40U41_AA   A 29 ? A 41 ? A 30 ? A 40 ? 
1 A G 5 1_555 A C 15 1_555 A A 6 1_555 A PSU 14 1_555 0.315  -1.474 2.922 2.339  1.905  40.349 -2.320 -0.223 2.866 2.757  -3.385 
40.457 3 AA_G30A31:PSU39C40_AA A 30 ? A 40 ? A 31 ? A 39 ? 
# 
_pdbx_initial_refinement_model.id               1 
_pdbx_initial_refinement_model.type             'experimental model' 
_pdbx_initial_refinement_model.source_name      PDB 
_pdbx_initial_refinement_model.accession_code   1TTT 
# 
_pdbx_struct_chem_comp_diagnostics.ordinal         1 
_pdbx_struct_chem_comp_diagnostics.asym_id         A 
_pdbx_struct_chem_comp_diagnostics.auth_comp_id    PSU 
_pdbx_struct_chem_comp_diagnostics.auth_seq_id     39 
_pdbx_struct_chem_comp_diagnostics.pdb_ins_code    ? 
_pdbx_struct_chem_comp_diagnostics.pdb_strand_id   A 
_pdbx_struct_chem_comp_diagnostics.seq_num         14 
_pdbx_struct_chem_comp_diagnostics.type            GEOMETRY 
# 
_atom_sites.entry_id                    1LU3 
_atom_sites.fract_transf_matrix[1][1]   1.000000 
_atom_sites.fract_transf_matrix[1][2]   0.000000 
_atom_sites.fract_transf_matrix[1][3]   0.000000 
_atom_sites.fract_transf_matrix[2][1]   0.000000 
_atom_sites.fract_transf_matrix[2][2]   1.000000 
_atom_sites.fract_transf_matrix[2][3]   0.000000 
_atom_sites.fract_transf_matrix[3][1]   0.000000 
_atom_sites.fract_transf_matrix[3][2]   0.000000 
_atom_sites.fract_transf_matrix[3][3]   1.000000 
_atom_sites.fract_transf_vector[1]      0.00000 
_atom_sites.fract_transf_vector[2]      0.00000 
_atom_sites.fract_transf_vector[3]      0.00000 
# 
loop_
_atom_type.symbol 
C 
N 
O 
P 
# 
loop_
_atom_site.group_PDB 
_atom_site.id 
_atom_site.type_symbol 
_atom_site.label_atom_id 
_atom_site.label_alt_id 
_atom_site.label_comp_id 
_atom_site.label_asym_id 
_atom_site.label_entity_id 
_atom_site.label_seq_id 
_atom_site.pdbx_PDB_ins_code 
_atom_site.Cartn_x 
_atom_site.Cartn_y 
_atom_site.Cartn_z 
_atom_site.occupancy 
_atom_site.B_iso_or_equiv 
_atom_site.pdbx_formal_charge 
_atom_site.auth_seq_id 
_atom_site.auth_comp_id 
_atom_site.auth_asym_id 
_atom_site.auth_atom_id 
_atom_site.pdbx_PDB_model_num 
ATOM   1   P P     . G   A 1 1  ? -8.458 5.494   6.658   1.00 0.00 ? 26 G   A P     1 
ATOM   2   O OP1   . G   A 1 1  ? -7.058 4.988   6.618   1.00 0.00 ? 26 G   A OP1   1 
ATOM   3   O OP2   . G   A 1 1  ? -9.350 4.536   5.946   1.00 0.00 ? 26 G   A OP2   1 
ATOM   4   O "O5'" . G   A 1 1  ? -8.511 6.921   5.938   1.00 0.00 ? 26 G   A "O5'" 1 
ATOM   5   C "C5'" . G   A 1 1  ? -9.733 7.624   5.698   1.00 0.00 ? 26 G   A "C5'" 1 
ATOM   6   C "C4'" . G   A 1 1  ? -9.380 9.063   5.278   1.00 0.00 ? 26 G   A "C4'" 1 
ATOM   7   O "O4'" . G   A 1 1  ? -8.548 9.648   6.280   1.00 0.00 ? 26 G   A "O4'" 1 
ATOM   8   C "C3'" . G   A 1 1  ? -8.462 9.021   4.048   1.00 0.00 ? 26 G   A "C3'" 1 
ATOM   9   O "O3'" . G   A 1 1  ? -9.226 8.926   2.842   1.00 0.00 ? 26 G   A "O3'" 1 
ATOM   10  C "C2'" . G   A 1 1  ? -7.647 10.319  4.170   1.00 0.00 ? 26 G   A "C2'" 1 
ATOM   11  O "O2'" . G   A 1 1  ? -8.259 11.367  3.413   1.00 0.00 ? 26 G   A "O2'" 1 
ATOM   12  C "C1'" . G   A 1 1  ? -7.772 10.684  5.665   1.00 0.00 ? 26 G   A "C1'" 1 
ATOM   13  N N9    . G   A 1 1  ? -6.455 10.718  6.271   1.00 0.00 ? 26 G   A N9    1 
ATOM   14  C C8    . G   A 1 1  ? -5.859 9.718   6.856   1.00 0.00 ? 26 G   A C8    1 
ATOM   15  N N7    . G   A 1 1  ? -4.731 10.089  7.282   1.00 0.00 ? 26 G   A N7    1 
ATOM   16  C C5    . G   A 1 1  ? -4.532 11.476  6.966   1.00 0.00 ? 26 G   A C5    1 
ATOM   17  C C6    . G   A 1 1  ? -3.504 12.503  7.150   1.00 0.00 ? 26 G   A C6    1 
ATOM   18  O O6    . G   A 1 1  ? -2.458 12.241  7.718   1.00 0.00 ? 26 G   A O6    1 
ATOM   19  N N1    . G   A 1 1  ? -3.815 13.726  6.648   1.00 0.00 ? 26 G   A N1    1 
ATOM   20  C C2    . G   A 1 1  ? -4.990 13.996  6.017   1.00 0.00 ? 26 G   A C2    1 
ATOM   21  N N2    . G   A 1 1  ? -5.151 15.214  5.592   1.00 0.00 ? 26 G   A N2    1 
ATOM   22  N N3    . G   A 1 1  ? -5.885 13.103  5.851   1.00 0.00 ? 26 G   A N3    1 
ATOM   23  C C4    . G   A 1 1  ? -5.673 11.765  6.341   1.00 0.00 ? 26 G   A C4    1 
ATOM   24  P P     . C   A 1 2  ? -8.498 8.589   1.459   1.00 0.00 ? 27 C   A P     1 
ATOM   25  O OP1   . C   A 1 2  ? -9.510 8.440   0.376   1.00 0.00 ? 27 C   A OP1   1 
ATOM   26  O OP2   . C   A 1 2  ? -7.747 7.309   1.610   1.00 0.00 ? 27 C   A OP2   1 
ATOM   27  O "O5'" . C   A 1 2  ? -7.468 9.748   1.078   1.00 0.00 ? 27 C   A "O5'" 1 
ATOM   28  C "C5'" . C   A 1 2  ? -7.868 11.029  0.577   1.00 0.00 ? 27 C   A "C5'" 1 
ATOM   29  C "C4'" . C   A 1 2  ? -6.593 11.862  0.335   1.00 0.00 ? 27 C   A "C4'" 1 
ATOM   30  O "O4'" . C   A 1 2  ? -5.979 12.135  1.596   1.00 0.00 ? 27 C   A "O4'" 1 
ATOM   31  C "C3'" . C   A 1 2  ? -5.565 10.989  -0.396  1.00 0.00 ? 27 C   A "C3'" 1 
ATOM   32  O "O3'" . C   A 1 2  ? -5.779 11.031  -1.810  1.00 0.00 ? 27 C   A "O3'" 1 
ATOM   33  C "C2'" . C   A 1 2  ? -4.214 11.561  0.061   1.00 0.00 ? 27 C   A "C2'" 1 
ATOM   34  O "O2'" . C   A 1 2  ? -3.788 12.587  -0.840  1.00 0.00 ? 27 C   A "O2'" 1 
ATOM   35  C "C1'" . C   A 1 2  ? -4.558 12.234  1.408   1.00 0.00 ? 27 C   A "C1'" 1 
ATOM   36  N N1    . C   A 1 2  ? -3.904 11.547  2.511   1.00 0.00 ? 27 C   A N1    1 
ATOM   37  C C2    . C   A 1 2  ? -2.710 11.972  2.972   1.00 0.00 ? 27 C   A C2    1 
ATOM   38  O O2    . C   A 1 2  ? -2.118 12.919  2.481   1.00 0.00 ? 27 C   A O2    1 
ATOM   39  N N3    . C   A 1 2  ? -2.090 11.298  4.089   1.00 0.00 ? 27 C   A N3    1 
ATOM   40  C C4    . C   A 1 2  ? -2.646 10.302  4.651   1.00 0.00 ? 27 C   A C4    1 
ATOM   41  N N4    . C   A 1 2  ? -2.126 9.682   5.668   1.00 0.00 ? 27 C   A N4    1 
ATOM   42  C C5    . C   A 1 2  ? -3.938 9.842   4.109   1.00 0.00 ? 27 C   A C5    1 
ATOM   43  C C6    . C   A 1 2  ? -4.504 10.475  3.077   1.00 0.00 ? 27 C   A C6    1 
ATOM   44  P P     . C   A 1 3  ? -5.001 10.022  -2.776  1.00 0.00 ? 28 C   A P     1 
ATOM   45  O OP1   . C   A 1 3  ? -5.538 10.134  -4.160  1.00 0.00 ? 28 C   A OP1   1 
ATOM   46  O OP2   . C   A 1 3  ? -5.191 8.630   -2.281  1.00 0.00 ? 28 C   A OP2   1 
ATOM   47  O "O5'" . C   A 1 3  ? -3.441 10.370  -2.777  1.00 0.00 ? 28 C   A "O5'" 1 
ATOM   48  C "C5'" . C   A 1 3  ? -2.933 11.543  -3.421  1.00 0.00 ? 28 C   A "C5'" 1 
ATOM   49  C "C4'" . C   A 1 3  ? -1.417 11.605  -3.169  1.00 0.00 ? 28 C   A "C4'" 1 
ATOM   50  O "O4'" . C   A 1 3  ? -1.182 11.818  -1.774  1.00 0.00 ? 28 C   A "O4'" 1 
ATOM   51  C "C3'" . C   A 1 3  ? -0.794 10.232  -3.448  1.00 0.00 ? 28 C   A "C3'" 1 
ATOM   52  O "O3'" . C   A 1 3  ? -0.529 10.064  -4.843  1.00 0.00 ? 28 C   A "O3'" 1 
ATOM   53  C "C2'" . C   A 1 3  ? 0.467  10.261  -2.572  1.00 0.00 ? 28 C   A "C2'" 1 
ATOM   54  O "O2'" . C   A 1 3  ? 1.514  10.932  -3.279  1.00 0.00 ? 28 C   A "O2'" 1 
ATOM   55  C "C1'" . C   A 1 3  ? 0.048  11.175  -1.406  1.00 0.00 ? 28 C   A "C1'" 1 
ATOM   56  N N1    . C   A 1 3  ? -0.179 10.404  -0.195  1.00 0.00 ? 28 C   A N1    1 
ATOM   57  C C2    . C   A 1 3  ? 0.782  10.318  0.748   1.00 0.00 ? 28 C   A C2    1 
ATOM   58  O O2    . C   A 1 3  ? 1.867  10.862  0.622   1.00 0.00 ? 28 C   A O2    1 
ATOM   59  N N3    . C   A 1 3  ? 0.537  9.569   1.957   1.00 0.00 ? 28 C   A N3    1 
ATOM   60  C C4    . C   A 1 3  ? -0.568 8.977   2.158   1.00 0.00 ? 28 C   A C4    1 
ATOM   61  N N4    . C   A 1 3  ? -0.822 8.299   3.237   1.00 0.00 ? 28 C   A N4    1 
ATOM   62  C C5    . C   A 1 3  ? -1.598 9.074   1.105   1.00 0.00 ? 28 C   A C5    1 
ATOM   63  C C6    . C   A 1 3  ? -1.362 9.773   -0.012  1.00 0.00 ? 28 C   A C6    1 
ATOM   64  P P     . A   A 1 4  ? -0.052 8.652   -5.423  1.00 0.00 ? 29 A   A P     1 
ATOM   65  O OP1   . A   A 1 4  ? 0.033  8.722   -6.910  1.00 0.00 ? 29 A   A OP1   1 
ATOM   66  O OP2   . A   A 1 4  ? -1.037 7.605   -5.034  1.00 0.00 ? 29 A   A OP2   1 
ATOM   67  O "O5'" . A   A 1 4  ? 1.381  8.277   -4.820  1.00 0.00 ? 29 A   A "O5'" 1 
ATOM   68  C "C5'" . A   A 1 4  ? 2.547  9.025   -5.180  1.00 0.00 ? 29 A   A "C5'" 1 
ATOM   69  C "C4'" . A   A 1 4  ? 3.684  8.649   -4.214  1.00 0.00 ? 29 A   A "C4'" 1 
ATOM   70  O "O4'" . A   A 1 4  ? 3.264  8.892   -2.870  1.00 0.00 ? 29 A   A "O4'" 1 
ATOM   71  C "C3'" . A   A 1 4  ? 3.920  7.133   -4.233  1.00 0.00 ? 29 A   A "C3'" 1 
ATOM   72  O "O3'" . A   A 1 4  ? 4.734  6.752   -5.347  1.00 0.00 ? 29 A   A "O3'" 1 
ATOM   73  C "C2'" . A   A 1 4  ? 4.587  6.898   -2.867  1.00 0.00 ? 29 A   A "C2'" 1 
ATOM   74  O "O2'" . A   A 1 4  ? 5.994  7.135   -2.973  1.00 0.00 ? 29 A   A "O2'" 1 
ATOM   75  C "C1'" . A   A 1 4  ? 4.012  8.034   -1.997  1.00 0.00 ? 29 A   A "C1'" 1 
ATOM   76  N N9    . A   A 1 4  ? 3.118  7.477   -0.996  1.00 0.00 ? 29 A   A N9    1 
ATOM   77  C C8    . A   A 1 4  ? 1.823  7.635   -0.938  1.00 0.00 ? 29 A   A C8    1 
ATOM   78  N N7    . A   A 1 4  ? 1.332  6.996   0.041   1.00 0.00 ? 29 A   A N7    1 
ATOM   79  C C5    . A   A 1 4  ? 2.306  6.357   0.703   1.00 0.00 ? 29 A   A C5    1 
ATOM   80  C C6    . A   A 1 4  ? 2.287  5.521   1.814   1.00 0.00 ? 29 A   A C6    1 
ATOM   81  N N6    . A   A 1 4  ? 1.130  5.191   2.426   1.00 0.00 ? 29 A   A N6    1 
ATOM   82  N N1    . A   A 1 4  ? 3.494  5.073   2.229   1.00 0.00 ? 29 A   A N1    1 
ATOM   83  C C2    . A   A 1 4  ? 4.640  5.414   1.588   1.00 0.00 ? 29 A   A C2    1 
ATOM   84  N N3    . A   A 1 4  ? 4.655  6.203   0.486   1.00 0.00 ? 29 A   A N3    1 
ATOM   85  C C4    . A   A 1 4  ? 3.479  6.681   0.040   1.00 0.00 ? 29 A   A C4    1 
ATOM   86  P P     . G   A 1 5  ? 5.008  5.214   -5.691  1.00 0.00 ? 30 G   A P     1 
ATOM   87  O OP1   . G   A 1 5  ? 5.782  5.114   -6.960  1.00 0.00 ? 30 G   A OP1   1 
ATOM   88  O OP2   . G   A 1 5  ? 3.707  4.507   -5.846  1.00 0.00 ? 30 G   A OP2   1 
ATOM   89  O "O5'" . G   A 1 5  ? 5.838  4.535   -4.506  1.00 0.00 ? 30 G   A "O5'" 1 
ATOM   90  C "C5'" . G   A 1 5  ? 7.173  4.945   -4.196  1.00 0.00 ? 30 G   A "C5'" 1 
ATOM   91  C "C4'" . G   A 1 5  ? 7.581  4.281   -2.870  1.00 0.00 ? 30 G   A "C4'" 1 
ATOM   92  O "O4'" . G   A 1 5  ? 6.574  4.526   -1.887  1.00 0.00 ? 30 G   A "O4'" 1 
ATOM   93  C "C3'" . G   A 1 5  ? 7.539  2.755   -3.039  1.00 0.00 ? 30 G   A "C3'" 1 
ATOM   94  O "O3'" . G   A 1 5  ? 8.758  2.282   -3.621  1.00 0.00 ? 30 G   A "O3'" 1 
ATOM   95  C "C2'" . G   A 1 5  ? 7.303  2.262   -1.601  1.00 0.00 ? 30 G   A "C2'" 1 
ATOM   96  O "O2'" . G   A 1 5  ? 8.556  2.072   -0.941  1.00 0.00 ? 30 G   A "O2'" 1 
ATOM   97  C "C1'" . G   A 1 5  ? 6.620  3.468   -0.920  1.00 0.00 ? 30 G   A "C1'" 1 
ATOM   98  N N9    . G   A 1 5  ? 5.268  3.128   -0.514  1.00 0.00 ? 30 G   A N9    1 
ATOM   99  C C8    . G   A 1 5  ? 4.174  3.587   -1.053  1.00 0.00 ? 30 G   A C8    1 
ATOM   100 N N7    . G   A 1 5  ? 3.173  3.100   -0.460  1.00 0.00 ? 30 G   A N7    1 
ATOM   101 C C5    . G   A 1 5  ? 3.618  2.220   0.585   1.00 0.00 ? 30 G   A C5    1 
ATOM   102 C C6    . G   A 1 5  ? 3.026  1.364   1.614   1.00 0.00 ? 30 G   A C6    1 
ATOM   103 O O6    . G   A 1 5  ? 1.815  1.272   1.719   1.00 0.00 ? 30 G   A O6    1 
ATOM   104 N N1    . G   A 1 5  ? 3.915  0.706   2.399   1.00 0.00 ? 30 G   A N1    1 
ATOM   105 C C2    . G   A 1 5  ? 5.262  0.820   2.252   1.00 0.00 ? 30 G   A C2    1 
ATOM   106 N N2    . G   A 1 5  ? 5.992  0.129   3.077   1.00 0.00 ? 30 G   A N2    1 
ATOM   107 N N3    . G   A 1 5  ? 5.781  1.564   1.356   1.00 0.00 ? 30 G   A N3    1 
ATOM   108 C C4    . G   A 1 5  ? 4.940  2.317   0.461   1.00 0.00 ? 30 G   A C4    1 
ATOM   109 P P     . A   A 1 6  ? 8.879  0.786   -4.173  1.00 0.00 ? 31 A   A P     1 
ATOM   110 O OP1   . A   A 1 6  ? 10.250 0.558   -4.712  1.00 0.00 ? 31 A   A OP1   1 
ATOM   111 O OP2   . A   A 1 6  ? 7.878  0.585   -5.259  1.00 0.00 ? 31 A   A OP2   1 
ATOM   112 O "O5'" . A   A 1 6  ? 8.585  -0.248  -2.994  1.00 0.00 ? 31 A   A "O5'" 1 
ATOM   113 C "C5'" . A   A 1 6  ? 9.473  -0.378  -1.879  1.00 0.00 ? 31 A   A "C5'" 1 
ATOM   114 C "C4'" . A   A 1 6  ? 8.767  -1.212  -0.798  1.00 0.00 ? 31 A   A "C4'" 1 
ATOM   115 O "O4'" . A   A 1 6  ? 7.533  -0.591  -0.435  1.00 0.00 ? 31 A   A "O4'" 1 
ATOM   116 C "C3'" . A   A 1 6  ? 8.295  -2.539  -1.404  1.00 0.00 ? 31 A   A "C3'" 1 
ATOM   117 O "O3'" . A   A 1 6  ? 9.347  -3.506  -1.439  1.00 0.00 ? 31 A   A "O3'" 1 
ATOM   118 C "C2'" . A   A 1 6  ? 7.121  -2.936  -0.488  1.00 0.00 ? 31 A   A "C2'" 1 
ATOM   119 O "O2'" . A   A 1 6  ? 7.581  -3.788  0.565   1.00 0.00 ? 31 A   A "O2'" 1 
ATOM   120 C "C1'" . A   A 1 6  ? 6.706  -1.599  0.157   1.00 0.00 ? 31 A   A "C1'" 1 
ATOM   121 N N9    . A   A 1 6  ? 5.307  -1.334  -0.109  1.00 0.00 ? 31 A   A N9    1 
ATOM   122 C C8    . A   A 1 6  ? 4.820  -0.636  -1.102  1.00 0.00 ? 31 A   A C8    1 
ATOM   123 N N7    . A   A 1 6  ? 3.554  -0.587  -1.041  1.00 0.00 ? 31 A   A N7    1 
ATOM   124 C C5    . A   A 1 6  ? 3.122  -1.267  0.029   1.00 0.00 ? 31 A   A C5    1 
ATOM   125 C C6    . A   A 1 6  ? 1.847  -1.510  0.530   1.00 0.00 ? 31 A   A C6    1 
ATOM   126 N N6    . A   A 1 6  ? 0.743  -1.044  -0.093  1.00 0.00 ? 31 A   A N6    1 
ATOM   127 N N1    . A   A 1 6  ? 1.795  -2.237  1.667   1.00 0.00 ? 31 A   A N1    1 
ATOM   128 C C2    . A   A 1 6  ? 2.918  -2.700  2.270   1.00 0.00 ? 31 A   A C2    1 
ATOM   129 N N3    . A   A 1 6  ? 4.159  -2.474  1.776   1.00 0.00 ? 31 A   A N3    1 
ATOM   130 C C4    . A   A 1 6  ? 4.263  -1.752  0.647   1.00 0.00 ? 31 A   A C4    1 
ATOM   131 P P     . C   A 1 7  ? 9.201  -4.785  -2.388  1.00 0.00 ? 32 C   A P     1 
ATOM   132 O OP1   . C   A 1 7  ? 10.339 -5.719  -2.160  1.00 0.00 ? 32 C   A OP1   1 
ATOM   133 O OP2   . C   A 1 7  ? 9.204  -4.335  -3.807  1.00 0.00 ? 32 C   A OP2   1 
ATOM   134 O "O5'" . C   A 1 7  ? 7.819  -5.528  -2.086  1.00 0.00 ? 32 C   A "O5'" 1 
ATOM   135 C "C5'" . C   A 1 7  ? 7.572  -6.197  -0.849  1.00 0.00 ? 32 C   A "C5'" 1 
ATOM   136 C "C4'" . C   A 1 7  ? 6.077  -6.556  -0.778  1.00 0.00 ? 32 C   A "C4'" 1 
ATOM   137 O "O4'" . C   A 1 7  ? 5.285  -5.371  -0.877  1.00 0.00 ? 32 C   A "O4'" 1 
ATOM   138 C "C3'" . C   A 1 7  ? 5.670  -7.323  -2.042  1.00 0.00 ? 32 C   A "C3'" 1 
ATOM   139 O "O3'" . C   A 1 7  ? 6.014  -8.709  -1.946  1.00 0.00 ? 32 C   A "O3'" 1 
ATOM   140 C "C2'" . C   A 1 7  ? 4.158  -7.057  -2.135  1.00 0.00 ? 32 C   A "C2'" 1 
ATOM   141 O "O2'" . C   A 1 7  ? 3.432  -8.088  -1.463  1.00 0.00 ? 32 C   A "O2'" 1 
ATOM   142 C "C1'" . C   A 1 7  ? 3.977  -5.762  -1.315  1.00 0.00 ? 32 C   A "C1'" 1 
ATOM   143 N N1    . C   A 1 7  ? 3.341  -4.724  -2.112  1.00 0.00 ? 32 C   A N1    1 
ATOM   144 C C2    . C   A 1 7  ? 2.030  -4.810  -2.417  1.00 0.00 ? 32 C   A C2    1 
ATOM   145 O O2    . C   A 1 7  ? 1.332  -5.740  -2.051  1.00 0.00 ? 32 C   A O2    1 
ATOM   146 N N3    . C   A 1 7  ? 1.409  -3.777  -3.214  1.00 0.00 ? 32 C   A N3    1 
ATOM   147 C C4    . C   A 1 7  ? 2.071  -2.781  -3.642  1.00 0.00 ? 32 C   A C4    1 
ATOM   148 N N4    . C   A 1 7  ? 1.539  -1.836  -4.359  1.00 0.00 ? 32 C   A N4    1 
ATOM   149 C C5    . C   A 1 7  ? 3.504  -2.717  -3.300  1.00 0.00 ? 32 C   A C5    1 
ATOM   150 C C6    . C   A 1 7  ? 4.072  -3.676  -2.559  1.00 0.00 ? 32 C   A C6    1 
ATOM   151 P P     . U   A 1 8  ? 5.900  -9.643  -3.240  1.00 0.00 ? 33 U   A P     1 
ATOM   152 O OP1   . U   A 1 8  ? 6.433  -11.000 -2.933  1.00 0.00 ? 33 U   A OP1   1 
ATOM   153 O OP2   . U   A 1 8  ? 6.692  -9.039  -4.346  1.00 0.00 ? 33 U   A OP2   1 
ATOM   154 O "O5'" . U   A 1 8  ? 4.373  -9.754  -3.694  1.00 0.00 ? 33 U   A "O5'" 1 
ATOM   155 C "C5'" . U   A 1 8  ? 3.396  -10.506 -2.967  1.00 0.00 ? 33 U   A "C5'" 1 
ATOM   156 C "C4'" . U   A 1 8  ? 2.032  -10.299 -3.648  1.00 0.00 ? 33 U   A "C4'" 1 
ATOM   157 O "O4'" . U   A 1 8  ? 1.607  -8.947  -3.449  1.00 0.00 ? 33 U   A "O4'" 1 
ATOM   158 C "C3'" . U   A 1 8  ? 2.213  -10.427 -5.165  1.00 0.00 ? 33 U   A "C3'" 1 
ATOM   159 O "O3'" . U   A 1 8  ? 2.144  -11.798 -5.569  1.00 0.00 ? 33 U   A "O3'" 1 
ATOM   160 C "C2'" . U   A 1 8  ? 1.070  -9.560  -5.716  1.00 0.00 ? 33 U   A "C2'" 1 
ATOM   161 O "O2'" . U   A 1 8  ? -0.113 -10.352 -5.834  1.00 0.00 ? 33 U   A "O2'" 1 
ATOM   162 C "C1'" . U   A 1 8  ? 0.859  -8.516  -4.596  1.00 0.00 ? 33 U   A "C1'" 1 
ATOM   163 N N1    . U   A 1 8  ? 1.357  -7.221  -5.037  1.00 0.00 ? 33 U   A N1    1 
ATOM   164 C C2    . U   A 1 8  ? 0.523  -6.388  -5.702  1.00 0.00 ? 33 U   A C2    1 
ATOM   165 O O2    . U   A 1 8  ? -0.651 -6.670  -5.883  1.00 0.00 ? 33 U   A O2    1 
ATOM   166 N N3    . U   A 1 8  ? 1.011  -5.224  -6.175  1.00 0.00 ? 33 U   A N3    1 
ATOM   167 C C4    . U   A 1 8  ? 2.295  -4.862  -5.997  1.00 0.00 ? 33 U   A C4    1 
ATOM   168 O O4    . U   A 1 8  ? 2.748  -3.818  -6.440  1.00 0.00 ? 33 U   A O4    1 
ATOM   169 C C5    . U   A 1 8  ? 3.171  -5.765  -5.238  1.00 0.00 ? 33 U   A C5    1 
ATOM   170 C C6    . U   A 1 8  ? 2.652  -6.912  -4.796  1.00 0.00 ? 33 U   A C6    1 
ATOM   171 P P     . G   A 1 9  ? 2.838  -12.295 -6.922  1.00 0.00 ? 34 G   A P     1 
ATOM   172 O OP1   . G   A 1 9  ? 2.610  -13.757 -7.088  1.00 0.00 ? 34 G   A OP1   1 
ATOM   173 O OP2   . G   A 1 9  ? 4.303  -12.028 -6.831  1.00 0.00 ? 34 G   A OP2   1 
ATOM   174 O "O5'" . G   A 1 9  ? 2.239  -11.518 -8.182  1.00 0.00 ? 34 G   A "O5'" 1 
ATOM   175 C "C5'" . G   A 1 9  ? 2.836  -11.635 -9.481  1.00 0.00 ? 34 G   A "C5'" 1 
ATOM   176 C "C4'" . G   A 1 9  ? 2.117  -10.682 -10.455 1.00 0.00 ? 34 G   A "C4'" 1 
ATOM   177 O "O4'" . G   A 1 9  ? 0.845  -11.234 -10.810 1.00 0.00 ? 34 G   A "O4'" 1 
ATOM   178 C "C3'" . G   A 1 9  ? 1.758  -9.394  -9.707  1.00 0.00 ? 34 G   A "C3'" 1 
ATOM   179 O "O3'" . G   A 1 9  ? 2.851  -8.474  -9.680  1.00 0.00 ? 34 G   A "O3'" 1 
ATOM   180 C "C2'" . G   A 1 9  ? 0.544  -8.873  -10.483 1.00 0.00 ? 34 G   A "C2'" 1 
ATOM   181 O "O2'" . G   A 1 9  ? 0.979  -8.061  -11.577 1.00 0.00 ? 34 G   A "O2'" 1 
ATOM   182 C "C1'" . G   A 1 9  ? -0.082 -10.163 -11.048 1.00 0.00 ? 34 G   A "C1'" 1 
ATOM   183 N N9    . G   A 1 9  ? -1.292 -10.452 -10.301 1.00 0.00 ? 34 G   A N9    1 
ATOM   184 C C8    . G   A 1 9  ? -1.359 -11.145 -9.201  1.00 0.00 ? 34 G   A C8    1 
ATOM   185 N N7    . G   A 1 9  ? -2.560 -11.226 -8.823  1.00 0.00 ? 34 G   A N7    1 
ATOM   186 C C5    . G   A 1 9  ? -3.402 -10.525 -9.751  1.00 0.00 ? 34 G   A C5    1 
ATOM   187 C C6    . G   A 1 9  ? -4.825 -10.226 -9.922  1.00 0.00 ? 34 G   A C6    1 
ATOM   188 O O6    . G   A 1 9  ? -5.638 -10.608 -9.097  1.00 0.00 ? 34 G   A O6    1 
ATOM   189 N N1    . G   A 1 9  ? -5.140 -9.511  -11.032 1.00 0.00 ? 34 G   A N1    1 
ATOM   190 C C2    . G   A 1 9  ? -4.203 -9.074  -11.921 1.00 0.00 ? 34 G   A C2    1 
ATOM   191 N N2    . G   A 1 9  ? -4.641 -8.401  -12.941 1.00 0.00 ? 34 G   A N2    1 
ATOM   192 N N3    . G   A 1 9  ? -2.959 -9.320  -11.765 1.00 0.00 ? 34 G   A N3    1 
ATOM   193 C C4    . G   A 1 9  ? -2.506 -10.086 -10.632 1.00 0.00 ? 34 G   A C4    1 
ATOM   194 P P     . A   A 1 10 ? 2.809  -7.348  -8.548  1.00 0.00 ? 35 A   A P     1 
ATOM   195 O OP1   . A   A 1 10 ? 3.930  -6.383  -8.725  1.00 0.00 ? 35 A   A OP1   1 
ATOM   196 O OP2   . A   A 1 10 ? 2.959  -8.046  -7.240  1.00 0.00 ? 35 A   A OP2   1 
ATOM   197 O "O5'" . A   A 1 10 ? 1.409  -6.581  -8.611  1.00 0.00 ? 35 A   A "O5'" 1 
ATOM   198 C "C5'" . A   A 1 10 ? 1.132  -5.710  -9.712  1.00 0.00 ? 35 A   A "C5'" 1 
ATOM   199 C "C4'" . A   A 1 10 ? -0.385 -5.458  -9.804  1.00 0.00 ? 35 A   A "C4'" 1 
ATOM   200 O "O4'" . A   A 1 10 ? -1.089 -6.693  -9.959  1.00 0.00 ? 35 A   A "O4'" 1 
ATOM   201 C "C3'" . A   A 1 10 ? -0.948 -4.864  -8.506  1.00 0.00 ? 35 A   A "C3'" 1 
ATOM   202 O "O3'" . A   A 1 10 ? -0.704 -3.455  -8.434  1.00 0.00 ? 35 A   A "O3'" 1 
ATOM   203 C "C2'" . A   A 1 10 ? -2.438 -5.193  -8.672  1.00 0.00 ? 35 A   A "C2'" 1 
ATOM   204 O "O2'" . A   A 1 10 ? -3.035 -4.255  -9.573  1.00 0.00 ? 35 A   A "O2'" 1 
ATOM   205 C "C1'" . A   A 1 10 ? -2.407 -6.550  -9.403  1.00 0.00 ? 35 A   A "C1'" 1 
ATOM   206 N N9    . A   A 1 10 ? -2.629 -7.590  -8.416  1.00 0.00 ? 35 A   A N9    1 
ATOM   207 C C8    . A   A 1 10 ? -1.714 -8.331  -7.850  1.00 0.00 ? 35 A   A C8    1 
ATOM   208 N N7    . A   A 1 10 ? -2.235 -9.134  -7.020  1.00 0.00 ? 35 A   A N7    1 
ATOM   209 C C5    . A   A 1 10 ? -3.563 -8.972  -6.996  1.00 0.00 ? 35 A   A C5    1 
ATOM   210 C C6    . A   A 1 10 ? -4.566 -9.600  -6.265  1.00 0.00 ? 35 A   A C6    1 
ATOM   211 N N6    . A   A 1 10 ? -4.285 -10.579 -5.379  1.00 0.00 ? 35 A   A N6    1 
ATOM   212 N N1    . A   A 1 10 ? -5.823 -9.167  -6.505  1.00 0.00 ? 35 A   A N1    1 
ATOM   213 C C2    . A   A 1 10 ? -6.077 -8.185  -7.407  1.00 0.00 ? 35 A   A C2    1 
ATOM   214 N N3    . A   A 1 10 ? -5.098 -7.575  -8.120  1.00 0.00 ? 35 A   A N3    1 
ATOM   215 C C4    . A   A 1 10 ? -3.827 -7.967  -7.911  1.00 0.00 ? 35 A   A C4    1 
ATOM   216 P P     . A   A 1 11 ? -1.159 -2.577  -7.171  1.00 0.00 ? 36 A   A P     1 
ATOM   217 O OP1   . A   A 1 11 ? -0.795 -1.152  -7.400  1.00 0.00 ? 36 A   A OP1   1 
ATOM   218 O OP2   . A   A 1 11 ? -0.476 -3.065  -5.940  1.00 0.00 ? 36 A   A OP2   1 
ATOM   219 O "O5'" . A   A 1 11 ? -2.737 -2.701  -6.954  1.00 0.00 ? 36 A   A "O5'" 1 
ATOM   220 C "C5'" . A   A 1 11 ? -3.693 -2.151  -7.863  1.00 0.00 ? 36 A   A "C5'" 1 
ATOM   221 C "C4'" . A   A 1 11 ? -5.073 -2.735  -7.518  1.00 0.00 ? 36 A   A "C4'" 1 
ATOM   222 O "O4'" . A   A 1 11 ? -4.977 -4.163  -7.471  1.00 0.00 ? 36 A   A "O4'" 1 
ATOM   223 C "C3'" . A   A 1 11 ? -5.452 -2.359  -6.080  1.00 0.00 ? 36 A   A "C3'" 1 
ATOM   224 O "O3'" . A   A 1 11 ? -6.052 -1.061  -6.025  1.00 0.00 ? 36 A   A "O3'" 1 
ATOM   225 C "C2'" . A   A 1 11 ? -6.434 -3.478  -5.703  1.00 0.00 ? 36 A   A "C2'" 1 
ATOM   226 O "O2'" . A   A 1 11 ? -7.769 -3.116  -6.068  1.00 0.00 ? 36 A   A "O2'" 1 
ATOM   227 C "C1'" . A   A 1 11 ? -5.986 -4.661  -6.581  1.00 0.00 ? 36 A   A "C1'" 1 
ATOM   228 N N9    . A   A 1 11 ? -5.408 -5.666  -5.709  1.00 0.00 ? 36 A   A N9    1 
ATOM   229 C C8    . A   A 1 11 ? -4.148 -6.007  -5.634  1.00 0.00 ? 36 A   A C8    1 
ATOM   230 N N7    . A   A 1 11 ? -3.977 -6.914  -4.765  1.00 0.00 ? 36 A   A N7    1 
ATOM   231 C C5    . A   A 1 11 ? -5.147 -7.230  -4.196  1.00 0.00 ? 36 A   A C5    1 
ATOM   232 C C6    . A   A 1 11 ? -5.491 -8.143  -3.205  1.00 0.00 ? 36 A   A C6    1 
ATOM   233 N N6    . A   A 1 11 ? -4.574 -8.953  -2.634  1.00 0.00 ? 36 A   A N6    1 
ATOM   234 N N1    . A   A 1 11 ? -6.797 -8.159  -2.857  1.00 0.00 ? 36 A   A N1    1 
ATOM   235 C C2    . A   A 1 11 ? -7.712 -7.361  -3.465  1.00 0.00 ? 36 A   A C2    1 
ATOM   236 N N3    . A   A 1 11 ? -7.380 -6.489  -4.445  1.00 0.00 ? 36 A   A N3    1 
ATOM   237 C C4    . A   A 1 11 ? -6.086 -6.415  -4.808  1.00 0.00 ? 36 A   A C4    1 
ATOM   238 P P     . G   A 1 12 ? -6.329 -0.306  -4.639  1.00 0.00 ? 37 G   A P     1 
ATOM   239 O OP1   . G   A 1 12 ? -7.035 0.974   -4.924  1.00 0.00 ? 37 G   A OP1   1 
ATOM   240 O OP2   . G   A 1 12 ? -5.029 -0.013  -3.977  1.00 0.00 ? 37 G   A OP2   1 
ATOM   241 O "O5'" . G   A 1 12 ? -7.229 -1.191  -3.656  1.00 0.00 ? 37 G   A "O5'" 1 
ATOM   242 C "C5'" . G   A 1 12 ? -6.751 -2.411  -3.089  1.00 0.00 ? 37 G   A "C5'" 1 
ATOM   243 C "C4'" . G   A 1 12 ? -7.756 -2.886  -2.027  1.00 0.00 ? 37 G   A "C4'" 1 
ATOM   244 O "O4'" . G   A 1 12 ? -7.988 -4.300  -2.106  1.00 0.00 ? 37 G   A "O4'" 1 
ATOM   245 C "C3'" . G   A 1 12 ? -7.172 -2.595  -0.635  1.00 0.00 ? 37 G   A "C3'" 1 
ATOM   246 O "O3'" . G   A 1 12 ? -7.720 -1.394  -0.086  1.00 0.00 ? 37 G   A "O3'" 1 
ATOM   247 C "C2'" . G   A 1 12 ? -7.534 -3.846  0.177   1.00 0.00 ? 37 G   A "C2'" 1 
ATOM   248 O "O2'" . G   A 1 12 ? -8.874 -3.742  0.665   1.00 0.00 ? 37 G   A "O2'" 1 
ATOM   249 C "C1'" . G   A 1 12 ? -7.496 -4.932  -0.914  1.00 0.00 ? 37 G   A "C1'" 1 
ATOM   250 N N9    . G   A 1 12 ? -6.125 -5.379  -1.065  1.00 0.00 ? 37 G   A N9    1 
ATOM   251 C C8    . G   A 1 12 ? -5.259 -4.950  -1.939  1.00 0.00 ? 37 G   A C8    1 
ATOM   252 N N7    . G   A 1 12 ? -4.168 -5.565  -1.788  1.00 0.00 ? 37 G   A N7    1 
ATOM   253 C C5    . G   A 1 12 ? -4.293 -6.510  -0.714  1.00 0.00 ? 37 G   A C5    1 
ATOM   254 C C6    . G   A 1 12 ? -3.469 -7.508  -0.026  1.00 0.00 ? 37 G   A C6    1 
ATOM   255 O O6    . G   A 1 12 ? -2.310 -7.697  -0.354  1.00 0.00 ? 37 G   A O6    1 
ATOM   256 N N1    . G   A 1 12 ? -4.089 -8.179  0.979   1.00 0.00 ? 37 G   A N1    1 
ATOM   257 C C2    . G   A 1 12 ? -5.385 -7.953  1.336   1.00 0.00 ? 37 G   A C2    1 
ATOM   258 N N2    . G   A 1 12 ? -5.847 -8.672  2.314   1.00 0.00 ? 37 G   A N2    1 
ATOM   259 N N3    . G   A 1 12 ? -6.103 -7.086  0.741   1.00 0.00 ? 37 G   A N3    1 
ATOM   260 C C4    . G   A 1 12 ? -5.557 -6.311  -0.342  1.00 0.00 ? 37 G   A C4    1 
ATOM   261 P P     . A   A 1 13 ? -7.047 -0.730  1.204   1.00 0.00 ? 38 A   A P     1 
ATOM   262 O OP1   . A   A 1 13 ? -7.838 0.459   1.631   1.00 0.00 ? 38 A   A OP1   1 
ATOM   263 O OP2   . A   A 1 13 ? -5.661 -0.304  0.858   1.00 0.00 ? 38 A   A OP2   1 
ATOM   264 O "O5'" . A   A 1 13 ? -6.978 -1.793  2.394   1.00 0.00 ? 38 A   A "O5'" 1 
ATOM   265 C "C5'" . A   A 1 13 ? -8.142 -2.262  3.079   1.00 0.00 ? 38 A   A "C5'" 1 
ATOM   266 C "C4'" . A   A 1 13 ? -7.719 -3.425  3.996   1.00 0.00 ? 38 A   A "C4'" 1 
ATOM   267 O "O4'" . A   A 1 13 ? -7.203 -4.488  3.183   1.00 0.00 ? 38 A   A "O4'" 1 
ATOM   268 C "C3'" . A   A 1 13 ? -6.552 -2.976  4.886   1.00 0.00 ? 38 A   A "C3'" 1 
ATOM   269 O "O3'" . A   A 1 13 ? -7.028 -2.394  6.102   1.00 0.00 ? 38 A   A "O3'" 1 
ATOM   270 C "C2'" . A   A 1 13 ? -5.793 -4.288  5.126   1.00 0.00 ? 38 A   A "C2'" 1 
ATOM   271 O "O2'" . A   A 1 13 ? -6.382 -5.000  6.220   1.00 0.00 ? 38 A   A "O2'" 1 
ATOM   272 C "C1'" . A   A 1 13 ? -6.069 -5.081  3.834   1.00 0.00 ? 38 A   A "C1'" 1 
ATOM   273 N N9    . A   A 1 13 ? -4.905 -4.962  2.977   1.00 0.00 ? 38 A   A N9    1 
ATOM   274 C C8    . A   A 1 13 ? -4.813 -4.263  1.876   1.00 0.00 ? 38 A   A C8    1 
ATOM   275 N N7    . A   A 1 13 ? -3.656 -4.373  1.366   1.00 0.00 ? 38 A   A N7    1 
ATOM   276 C C5    . A   A 1 13 ? -2.895 -5.173  2.125   1.00 0.00 ? 38 A   A C5    1 
ATOM   277 C C6    . A   A 1 13 ? -1.576 -5.597  2.008   1.00 0.00 ? 38 A   A C6    1 
ATOM   278 N N6    . A   A 1 13 ? -0.795 -5.211  0.976   1.00 0.00 ? 38 A   A N6    1 
ATOM   279 N N1    . A   A 1 13 ? -1.134 -6.412  2.994   1.00 0.00 ? 38 A   A N1    1 
ATOM   280 C C2    . A   A 1 13 ? -1.939 -6.788  4.020   1.00 0.00 ? 38 A   A C2    1 
ATOM   281 N N3    . A   A 1 13 ? -3.226 -6.384  4.128   1.00 0.00 ? 38 A   A N3    1 
ATOM   282 C C4    . A   A 1 13 ? -3.709 -5.564  3.177   1.00 0.00 ? 38 A   A C4    1 
HETATM 283 N N1    . PSU A 1 14 ? -2.300 -2.614  3.633   1.00 0.00 ? 39 PSU A N1    1 
HETATM 284 C C2    . PSU A 1 14 ? -1.114 -2.609  2.988   1.00 0.00 ? 39 PSU A C2    1 
HETATM 285 N N3    . PSU A 1 14 ? -0.053 -3.217  3.559   1.00 0.00 ? 39 PSU A N3    1 
HETATM 286 C C4    . PSU A 1 14 ? -0.149 -3.834  4.753   1.00 0.00 ? 39 PSU A C4    1 
HETATM 287 C C5    . PSU A 1 14 ? -1.459 -3.851  5.422   1.00 0.00 ? 39 PSU A C5    1 
HETATM 288 C C6    . PSU A 1 14 ? -2.477 -3.222  4.822   1.00 0.00 ? 39 PSU A C6    1 
HETATM 289 O O2    . PSU A 1 14 ? -1.007 -2.062  1.903   1.00 0.00 ? 39 PSU A O2    1 
HETATM 290 O O4    . PSU A 1 14 ? 0.808  -4.371  5.286   1.00 0.00 ? 39 PSU A O4    1 
HETATM 291 C "C1'" . PSU A 1 14 ? -1.654 -4.550  6.739   1.00 0.00 ? 39 PSU A "C1'" 1 
HETATM 292 C "C2'" . PSU A 1 14 ? -1.090 -3.677  7.874   1.00 0.00 ? 39 PSU A "C2'" 1 
HETATM 293 O "O2'" . PSU A 1 14 ? -0.332 -4.526  8.740   1.00 0.00 ? 39 PSU A "O2'" 1 
HETATM 294 C "C3'" . PSU A 1 14 ? -2.353 -3.185  8.596   1.00 0.00 ? 39 PSU A "C3'" 1 
HETATM 295 C "C4'" . PSU A 1 14 ? -3.382 -4.285  8.290   1.00 0.00 ? 39 PSU A "C4'" 1 
HETATM 296 O "O3'" . PSU A 1 14 ? -2.180 -3.024  10.007  1.00 0.00 ? 39 PSU A "O3'" 1 
HETATM 297 O "O4'" . PSU A 1 14 ? -3.061 -4.723  6.965   1.00 0.00 ? 39 PSU A "O4'" 1 
HETATM 298 C "C5'" . PSU A 1 14 ? -4.790 -3.664  8.271   1.00 0.00 ? 39 PSU A "C5'" 1 
HETATM 299 O "O5'" . PSU A 1 14 ? -4.752 -2.523  7.409   1.00 0.00 ? 39 PSU A "O5'" 1 
HETATM 300 P P     . PSU A 1 14 ? -6.020 -1.612  7.067   1.00 0.00 ? 39 PSU A P     1 
HETATM 301 O OP1   . PSU A 1 14 ? -6.717 -1.227  8.325   1.00 0.00 ? 39 PSU A OP1   1 
HETATM 302 O OP2   . PSU A 1 14 ? -5.547 -0.382  6.370   1.00 0.00 ? 39 PSU A OP2   1 
ATOM   303 P P     . C   A 1 15 ? -1.333 -1.795  10.583  1.00 0.00 ? 40 C   A P     1 
ATOM   304 O OP1   . C   A 1 15 ? -1.388 -1.800  12.071  1.00 0.00 ? 40 C   A OP1   1 
ATOM   305 O OP2   . C   A 1 15 ? -1.919 -0.523  10.072  1.00 0.00 ? 40 C   A OP2   1 
ATOM   306 O "O5'" . C   A 1 15 ? 0.188  -1.898  10.101  1.00 0.00 ? 40 C   A "O5'" 1 
ATOM   307 C "C5'" . C   A 1 15 ? 1.098  -2.875  10.617  1.00 0.00 ? 40 C   A "C5'" 1 
ATOM   308 C "C4'" . C   A 1 15 ? 2.424  -2.749  9.847   1.00 0.00 ? 40 C   A "C4'" 1 
ATOM   309 O "O4'" . C   A 1 15 ? 2.188  -3.040  8.465   1.00 0.00 ? 40 C   A "O4'" 1 
ATOM   310 C "C3'" . C   A 1 15 ? 2.881  -1.286  9.853   1.00 0.00 ? 40 C   A "C3'" 1 
ATOM   311 O "O3'" . C   A 1 15 ? 3.615  -0.983  11.043  1.00 0.00 ? 40 C   A "O3'" 1 
ATOM   312 C "C2'" . C   A 1 15 ? 3.725  -1.190  8.571   1.00 0.00 ? 40 C   A "C2'" 1 
ATOM   313 O "O2'" . C   A 1 15 ? 5.066  -1.605  8.845   1.00 0.00 ? 40 C   A "O2'" 1 
ATOM   314 C "C1'" . C   A 1 15 ? 3.094  -2.263  7.663   1.00 0.00 ? 40 C   A "C1'" 1 
ATOM   315 N N1    . C   A 1 15 ? 2.355  -1.632  6.580   1.00 0.00 ? 40 C   A N1    1 
ATOM   316 C C2    . C   A 1 15 ? 2.988  -1.264  5.447   1.00 0.00 ? 40 C   A C2    1 
ATOM   317 O O2    . C   A 1 15 ? 4.184  -1.432  5.279   1.00 0.00 ? 40 C   A O2    1 
ATOM   318 N N3    . C   A 1 15 ? 2.241  -0.645  4.376   1.00 0.00 ? 40 C   A N3    1 
ATOM   319 C C4    . C   A 1 15 ? 0.992  -0.434  4.477   1.00 0.00 ? 40 C   A C4    1 
ATOM   320 N N4    . C   A 1 15 ? 0.286  0.108   3.530   1.00 0.00 ? 40 C   A N4    1 
ATOM   321 C C5    . C   A 1 15 ? 0.329  -0.826  5.735   1.00 0.00 ? 40 C   A C5    1 
ATOM   322 C C6    . C   A 1 15 ? 1.031  -1.400  6.720   1.00 0.00 ? 40 C   A C6    1 
ATOM   323 P P     . U   A 1 16 ? 4.019  0.525   11.387  1.00 0.00 ? 41 U   A P     1 
ATOM   324 O OP1   . U   A 1 16 ? 4.745  0.571   12.687  1.00 0.00 ? 41 U   A OP1   1 
ATOM   325 O OP2   . U   A 1 16 ? 2.780  1.352   11.483  1.00 0.00 ? 41 U   A OP2   1 
ATOM   326 O "O5'" . U   A 1 16 ? 4.951  1.117   10.232  1.00 0.00 ? 41 U   A "O5'" 1 
ATOM   327 C "C5'" . U   A 1 16 ? 6.280  0.636   10.012  1.00 0.00 ? 41 U   A "C5'" 1 
ATOM   328 C "C4'" . U   A 1 16 ? 6.833  1.311   8.746   1.00 0.00 ? 41 U   A "C4'" 1 
ATOM   329 O "O4'" . U   A 1 16 ? 5.992  1.007   7.632   1.00 0.00 ? 41 U   A "O4'" 1 
ATOM   330 C "C3'" . U   A 1 16 ? 6.683  2.834   8.875   1.00 0.00 ? 41 U   A "C3'" 1 
ATOM   331 O "O3'" . U   A 1 16 ? 7.760  3.388   9.637   1.00 0.00 ? 41 U   A "O3'" 1 
ATOM   332 C "C2'" . U   A 1 16 ? 6.634  3.302   7.410   1.00 0.00 ? 41 U   A "C2'" 1 
ATOM   333 O "O2'" . U   A 1 16 ? 7.953  3.604   6.952   1.00 0.00 ? 41 U   A "O2'" 1 
ATOM   334 C "C1'" . U   A 1 16 ? 6.167  2.042   6.653   1.00 0.00 ? 41 U   A "C1'" 1 
ATOM   335 N N1    . U   A 1 16 ? 4.929  2.284   5.928   1.00 0.00 ? 41 U   A N1    1 
ATOM   336 C C2    . U   A 1 16 ? 4.983  2.899   4.723   1.00 0.00 ? 41 U   A C2    1 
ATOM   337 O O2    . U   A 1 16 ? 6.044  3.251   4.233   1.00 0.00 ? 41 U   A O2    1 
ATOM   338 N N3    . U   A 1 16 ? 3.830  3.124   4.056   1.00 0.00 ? 41 U   A N3    1 
ATOM   339 C C4    . U   A 1 16 ? 2.635  2.760   4.557   1.00 0.00 ? 41 U   A C4    1 
ATOM   340 O O4    . U   A 1 16 ? 1.587  2.951   3.964   1.00 0.00 ? 41 U   A O4    1 
ATOM   341 C C5    . U   A 1 16 ? 2.605  2.105   5.873   1.00 0.00 ? 41 U   A C5    1 
ATOM   342 C C6    . U   A 1 16 ? 3.766  1.900   6.498   1.00 0.00 ? 41 U   A C6    1 
ATOM   343 P P     . G   A 1 17 ? 7.724  4.915   10.114  1.00 0.00 ? 42 G   A P     1 
ATOM   344 O OP1   . G   A 1 17 ? 8.863  5.177   11.037  1.00 0.00 ? 42 G   A OP1   1 
ATOM   345 O OP2   . G   A 1 17 ? 6.442  5.174   10.826  1.00 0.00 ? 42 G   A OP2   1 
ATOM   346 O "O5'" . G   A 1 17 ? 7.829  5.882   8.847   1.00 0.00 ? 42 G   A "O5'" 1 
ATOM   347 C "C5'" . G   A 1 17 ? 9.047  5.996   8.109   1.00 0.00 ? 42 G   A "C5'" 1 
ATOM   348 C "C4'" . G   A 1 17 ? 8.785  6.847   6.854   1.00 0.00 ? 42 G   A "C4'" 1 
ATOM   349 O "O4'" . G   A 1 17 ? 7.827  6.189   6.021   1.00 0.00 ? 42 G   A "O4'" 1 
ATOM   350 C "C3'" . G   A 1 17 ? 8.079  8.152   7.239   1.00 0.00 ? 42 G   A "C3'" 1 
ATOM   351 O "O3'" . G   A 1 17 ? 9.007  9.124   7.731   1.00 0.00 ? 42 G   A "O3'" 1 
ATOM   352 C "C2'" . G   A 1 17 ? 7.408  8.549   5.915   1.00 0.00 ? 42 G   A "C2'" 1 
ATOM   353 O "O2'" . G   A 1 17 ? 8.351  9.229   5.083   1.00 0.00 ? 42 G   A "O2'" 1 
ATOM   354 C "C1'" . G   A 1 17 ? 7.117  7.182   5.264   1.00 0.00 ? 42 G   A "C1'" 1 
ATOM   355 N N9    . G   A 1 17 ? 5.692  6.921   5.361   1.00 0.00 ? 42 G   A N9    1 
ATOM   356 C C8    . G   A 1 17 ? 5.110  6.152   6.236   1.00 0.00 ? 42 G   A C8    1 
ATOM   357 N N7    . G   A 1 17 ? 3.864  6.155   6.038   1.00 0.00 ? 42 G   A N7    1 
ATOM   358 C C5    . G   A 1 17 ? 3.558  7.006   4.922   1.00 0.00 ? 42 G   A C5    1 
ATOM   359 C C6    . G   A 1 17 ? 2.377  7.458   4.183   1.00 0.00 ? 42 G   A C6    1 
ATOM   360 O O6    . G   A 1 17 ? 1.262  7.095   4.511   1.00 0.00 ? 42 G   A O6    1 
ATOM   361 N N1    . G   A 1 17 ? 2.633  8.292   3.142   1.00 0.00 ? 42 G   A N1    1 
ATOM   362 C C2    . G   A 1 17 ? 3.887  8.695   2.800   1.00 0.00 ? 42 G   A C2    1 
ATOM   363 N N2    . G   A 1 17 ? 3.980  9.489   1.776   1.00 0.00 ? 42 G   A N2    1 
ATOM   364 N N3    . G   A 1 17 ? 4.917  8.315   3.450   1.00 0.00 ? 42 G   A N3    1 
ATOM   365 C C4    . G   A 1 17 ? 4.774  7.422   4.574   1.00 0.00 ? 42 G   A C4    1 
# 
